data_7R6O
#
_entry.id   7R6O
#
_cell.length_a   58.855
_cell.length_b   81.348
_cell.length_c   121.845
_cell.angle_alpha   90.000
_cell.angle_beta   102.142
_cell.angle_gamma   90.000
#
_symmetry.space_group_name_H-M   'P 1 21 1'
#
loop_
_entity.id
_entity.type
_entity.pdbx_description
1 polymer 'Pyrrolysyl-tRNA synthetase PylS'
2 non-polymer 1,2-ETHANEDIOL
3 non-polymer 'SULFATE ION'
4 water water
#
_entity_poly.entity_id   1
_entity_poly.type   'polypeptide(L)'
_entity_poly.pdbx_seq_one_letter_code
;MVVKFTDSQIQHLMEYGDNDWSEAEFEDAAARDKEFSSQFSKLKSANDKGLKDVIANPRNDLTDLENKIREKLAARGFIE
VHTPIFVSKSALAKMTITEDHPLFKQVFWIDDKRALRPMHAMNALKVMRELRDHTKGPVKIFEIGSCFRKESKSSTHLEE
FTMLNLAEMGPDGDPMEHLKMYIGDIMDAVGVEYTTSREESDVWVETLDVEINGTEVASGSVGPHKLDPAHDVHEPWAGI
GFGLERLLMLKNGKSNARKTGKSITYLNGYKLD
;
_entity_poly.pdbx_strand_id   A,B,C,D
#
loop_
_chem_comp.id
_chem_comp.type
_chem_comp.name
_chem_comp.formula
EDO non-polymer 1,2-ETHANEDIOL 'C2 H6 O2'
SO4 non-polymer 'SULFATE ION' 'O4 S -2'
#
# COMPACT_ATOMS: atom_id res chain seq x y z
N MET A 1 -71.20 9.53 18.84
CA MET A 1 -70.14 9.78 19.81
C MET A 1 -69.12 8.63 19.81
N VAL A 2 -68.18 8.68 18.87
CA VAL A 2 -67.22 7.60 18.69
C VAL A 2 -66.10 7.72 19.72
N VAL A 3 -65.58 6.56 20.12
CA VAL A 3 -64.42 6.48 20.99
C VAL A 3 -63.36 5.62 20.30
N LYS A 4 -62.12 5.77 20.77
CA LYS A 4 -60.98 5.03 20.25
C LYS A 4 -60.40 4.15 21.34
N PHE A 5 -59.38 3.39 20.99
CA PHE A 5 -58.64 2.61 21.99
C PHE A 5 -58.06 3.54 23.05
N THR A 6 -58.04 3.08 24.30
CA THR A 6 -57.37 3.84 25.34
C THR A 6 -55.86 3.84 25.10
N ASP A 7 -55.18 4.80 25.73
CA ASP A 7 -53.73 4.85 25.62
C ASP A 7 -53.09 3.57 26.13
N SER A 8 -53.67 2.98 27.18
CA SER A 8 -53.16 1.71 27.69
C SER A 8 -53.37 0.59 26.67
N GLN A 9 -54.50 0.61 25.96
CA GLN A 9 -54.77 -0.43 24.98
C GLN A 9 -53.87 -0.29 23.75
N ILE A 10 -53.63 0.95 23.32
CA ILE A 10 -52.72 1.18 22.20
C ILE A 10 -51.32 0.72 22.54
N GLN A 11 -50.87 1.00 23.77
CA GLN A 11 -49.55 0.55 24.19
C GLN A 11 -49.45 -0.96 24.19
N HIS A 12 -50.49 -1.64 24.69
CA HIS A 12 -50.49 -3.10 24.71
C HIS A 12 -50.45 -3.67 23.30
N LEU A 13 -51.26 -3.13 22.40
CA LEU A 13 -51.37 -3.69 21.06
C LEU A 13 -50.07 -3.50 20.28
N MET A 14 -49.43 -2.34 20.39
CA MET A 14 -48.23 -2.08 19.60
C MET A 14 -47.01 -2.82 20.13
N GLU A 15 -47.06 -3.34 21.35
CA GLU A 15 -45.97 -4.17 21.85
C GLU A 15 -45.97 -5.56 21.23
N TYR A 16 -47.13 -6.05 20.81
CA TYR A 16 -47.27 -7.41 20.28
C TYR A 16 -47.54 -7.44 18.78
N GLY A 17 -47.60 -6.30 18.11
CA GLY A 17 -47.97 -6.28 16.71
C GLY A 17 -47.35 -5.12 15.98
N ASP A 18 -47.59 -5.07 14.67
CA ASP A 18 -47.03 -4.06 13.80
C ASP A 18 -48.09 -3.18 13.14
N ASN A 19 -49.37 -3.48 13.32
CA ASN A 19 -50.43 -2.69 12.71
C ASN A 19 -50.51 -1.33 13.38
N ASP A 20 -51.41 -0.48 12.87
CA ASP A 20 -51.64 0.85 13.43
C ASP A 20 -53.05 0.87 14.01
N TRP A 21 -53.15 0.79 15.33
CA TRP A 21 -54.42 0.78 16.02
C TRP A 21 -54.84 2.16 16.52
N SER A 22 -54.06 3.20 16.23
CA SER A 22 -54.33 4.53 16.78
C SER A 22 -55.57 5.17 16.16
N GLU A 23 -56.00 4.73 15.00
CA GLU A 23 -57.14 5.33 14.32
C GLU A 23 -58.42 4.50 14.40
N ALA A 24 -58.37 3.34 15.04
CA ALA A 24 -59.57 2.50 15.16
C ALA A 24 -60.59 3.19 16.05
N GLU A 25 -61.84 3.27 15.57
CA GLU A 25 -62.91 3.94 16.27
C GLU A 25 -64.05 2.97 16.52
N PHE A 26 -64.79 3.20 17.60
CA PHE A 26 -65.83 2.28 18.04
C PHE A 26 -67.05 3.05 18.51
N GLU A 27 -68.17 2.34 18.62
CA GLU A 27 -69.43 2.98 18.98
C GLU A 27 -69.41 3.51 20.40
N ASP A 28 -68.88 2.73 21.34
CA ASP A 28 -68.82 3.14 22.73
C ASP A 28 -67.70 2.35 23.42
N ALA A 29 -67.59 2.55 24.74
CA ALA A 29 -66.54 1.90 25.52
C ALA A 29 -66.62 0.39 25.41
N ALA A 30 -67.82 -0.17 25.41
CA ALA A 30 -67.98 -1.62 25.38
C ALA A 30 -67.42 -2.22 24.11
N ALA A 31 -67.79 -1.67 22.95
CA ALA A 31 -67.25 -2.18 21.69
C ALA A 31 -65.74 -2.01 21.63
N ARG A 32 -65.22 -0.91 22.17
CA ARG A 32 -63.77 -0.70 22.22
C ARG A 32 -63.09 -1.81 23.00
N ASP A 33 -63.57 -2.10 24.20
CA ASP A 33 -62.94 -3.12 25.03
C ASP A 33 -63.13 -4.51 24.43
N LYS A 34 -64.30 -4.76 23.83
CA LYS A 34 -64.54 -6.05 23.20
C LYS A 34 -63.58 -6.29 22.05
N GLU A 35 -63.35 -5.28 21.22
CA GLU A 35 -62.43 -5.45 20.10
C GLU A 35 -60.98 -5.53 20.58
N PHE A 36 -60.64 -4.83 21.67
CA PHE A 36 -59.28 -4.91 22.18
C PHE A 36 -58.97 -6.32 22.70
N SER A 37 -59.87 -6.88 23.50
CA SER A 37 -59.64 -8.21 24.05
C SER A 37 -59.52 -9.25 22.94
N SER A 38 -60.31 -9.09 21.88
CA SER A 38 -60.21 -10.02 20.74
C SER A 38 -58.86 -9.86 20.04
N GLN A 39 -58.48 -8.62 19.72
CA GLN A 39 -57.24 -8.40 18.99
C GLN A 39 -56.02 -8.72 19.85
N PHE A 40 -56.09 -8.42 21.15
CA PHE A 40 -54.97 -8.72 22.03
C PHE A 40 -54.73 -10.22 22.17
N SER A 41 -55.81 -10.99 22.27
CA SER A 41 -55.68 -12.45 22.34
C SER A 41 -55.05 -13.00 21.06
N LYS A 42 -55.44 -12.47 19.90
CA LYS A 42 -54.87 -12.92 18.64
C LYS A 42 -53.39 -12.58 18.57
N LEU A 43 -53.02 -11.35 18.96
CA LEU A 43 -51.62 -10.97 18.96
C LEU A 43 -50.81 -11.79 19.97
N LYS A 44 -51.35 -11.94 21.18
CA LYS A 44 -50.65 -12.75 22.19
C LYS A 44 -50.50 -14.19 21.72
N SER A 45 -51.52 -14.73 21.07
CA SER A 45 -51.43 -16.11 20.58
C SER A 45 -50.39 -16.22 19.47
N ALA A 46 -50.42 -15.28 18.50
CA ALA A 46 -49.44 -15.30 17.43
C ALA A 46 -48.03 -15.07 17.95
N ASN A 47 -47.88 -14.27 19.02
CA ASN A 47 -46.57 -14.01 19.57
C ASN A 47 -45.98 -15.24 20.23
N ASP A 48 -46.79 -15.93 21.06
CA ASP A 48 -46.30 -17.10 21.76
C ASP A 48 -46.11 -18.29 20.83
N LYS A 49 -46.95 -18.40 19.80
CA LYS A 49 -46.76 -19.44 18.80
C LYS A 49 -45.44 -19.24 18.05
N GLY A 50 -45.19 -18.00 17.59
CA GLY A 50 -43.94 -17.73 16.90
C GLY A 50 -42.73 -17.93 17.79
N LEU A 51 -42.84 -17.54 19.06
CA LEU A 51 -41.71 -17.69 19.97
C LEU A 51 -41.40 -19.15 20.25
N LYS A 52 -42.43 -20.00 20.32
CA LYS A 52 -42.19 -21.44 20.47
C LYS A 52 -41.51 -22.01 19.23
N ASP A 53 -41.89 -21.53 18.04
CA ASP A 53 -41.27 -22.01 16.82
C ASP A 53 -39.81 -21.61 16.73
N VAL A 54 -39.43 -20.48 17.33
CA VAL A 54 -38.03 -20.06 17.29
C VAL A 54 -37.19 -20.95 18.20
N ILE A 55 -37.73 -21.34 19.35
CA ILE A 55 -37.00 -22.25 20.23
C ILE A 55 -36.87 -23.62 19.58
N ALA A 56 -37.92 -24.07 18.89
CA ALA A 56 -37.85 -25.36 18.19
C ALA A 56 -36.96 -25.27 16.96
N ASN A 57 -37.06 -24.17 16.21
CA ASN A 57 -36.29 -23.95 14.99
C ASN A 57 -35.51 -22.66 15.15
N PRO A 58 -34.33 -22.71 15.77
CA PRO A 58 -33.58 -21.48 16.04
C PRO A 58 -33.21 -20.74 14.76
N ARG A 59 -33.27 -19.41 14.83
CA ARG A 59 -33.00 -18.53 13.71
C ARG A 59 -32.89 -17.12 14.25
N ASN A 60 -32.17 -16.27 13.51
CA ASN A 60 -32.07 -14.85 13.84
C ASN A 60 -32.27 -14.05 12.55
N ASP A 61 -33.41 -13.39 12.45
CA ASP A 61 -33.74 -12.66 11.22
C ASP A 61 -32.72 -11.56 10.94
N LEU A 62 -32.22 -10.89 11.98
CA LEU A 62 -31.21 -9.85 11.77
C LEU A 62 -29.94 -10.44 11.18
N THR A 63 -29.44 -11.53 11.79
CA THR A 63 -28.27 -12.21 11.24
C THR A 63 -28.51 -12.67 9.81
N ASP A 64 -29.69 -13.25 9.53
CA ASP A 64 -30.00 -13.70 8.19
C ASP A 64 -30.01 -12.52 7.21
N LEU A 65 -30.60 -11.40 7.62
CA LEU A 65 -30.60 -10.22 6.75
C LEU A 65 -29.19 -9.72 6.50
N GLU A 66 -28.38 -9.64 7.57
CA GLU A 66 -27.00 -9.18 7.42
C GLU A 66 -26.22 -10.05 6.44
N ASN A 67 -26.38 -11.37 6.53
CA ASN A 67 -25.62 -12.26 5.67
C ASN A 67 -26.10 -12.19 4.22
N LYS A 68 -27.39 -11.93 4.00
CA LYS A 68 -27.86 -11.72 2.64
C LYS A 68 -27.31 -10.41 2.07
N ILE A 69 -27.24 -9.37 2.90
CA ILE A 69 -26.63 -8.12 2.47
C ILE A 69 -25.16 -8.32 2.12
N ARG A 70 -24.44 -9.06 2.96
CA ARG A 70 -23.04 -9.34 2.68
C ARG A 70 -22.88 -10.03 1.34
N GLU A 71 -23.76 -10.97 1.02
CA GLU A 71 -23.72 -11.64 -0.27
C GLU A 71 -23.92 -10.64 -1.40
N LYS A 72 -24.86 -9.72 -1.25
CA LYS A 72 -25.10 -8.72 -2.29
C LYS A 72 -23.90 -7.81 -2.47
N LEU A 73 -23.33 -7.30 -1.36
CA LEU A 73 -22.25 -6.35 -1.47
C LEU A 73 -20.94 -7.02 -1.86
N ALA A 74 -20.72 -8.26 -1.40
CA ALA A 74 -19.54 -9.00 -1.83
C ALA A 74 -19.50 -9.15 -3.35
N ALA A 75 -20.65 -9.40 -3.97
CA ALA A 75 -20.72 -9.50 -5.43
C ALA A 75 -20.36 -8.19 -6.12
N ARG A 76 -20.50 -7.06 -5.44
CA ARG A 76 -20.16 -5.75 -5.98
C ARG A 76 -18.72 -5.36 -5.68
N GLY A 77 -17.95 -6.21 -5.01
CA GLY A 77 -16.58 -5.89 -4.66
C GLY A 77 -16.39 -5.13 -3.37
N PHE A 78 -17.41 -5.08 -2.51
CA PHE A 78 -17.31 -4.36 -1.25
C PHE A 78 -16.50 -5.16 -0.23
N ILE A 79 -15.72 -4.45 0.57
CA ILE A 79 -14.98 -5.03 1.69
C ILE A 79 -15.75 -4.68 2.97
N GLU A 80 -15.93 -5.67 3.85
CA GLU A 80 -16.56 -5.40 5.13
C GLU A 80 -15.50 -5.01 6.15
N VAL A 81 -15.79 -3.97 6.93
CA VAL A 81 -14.87 -3.46 7.93
C VAL A 81 -15.54 -3.48 9.30
N HIS A 82 -14.70 -3.55 10.33
CA HIS A 82 -15.12 -3.44 11.71
C HIS A 82 -14.35 -2.26 12.32
N THR A 83 -15.05 -1.19 12.65
CA THR A 83 -14.42 0.02 13.16
C THR A 83 -14.90 0.29 14.59
N PRO A 84 -14.13 1.04 15.36
CA PRO A 84 -14.53 1.32 16.75
C PRO A 84 -15.83 2.08 16.83
N ILE A 85 -16.54 1.87 17.95
CA ILE A 85 -17.74 2.66 18.21
C ILE A 85 -17.37 4.07 18.69
N PHE A 86 -16.24 4.18 19.41
CA PHE A 86 -15.80 5.49 19.87
C PHE A 86 -15.35 6.36 18.69
N VAL A 87 -15.86 7.58 18.64
CA VAL A 87 -15.47 8.56 17.63
C VAL A 87 -15.18 9.88 18.32
N SER A 88 -14.31 10.69 17.69
CA SER A 88 -13.90 11.96 18.25
C SER A 88 -14.88 13.06 17.89
N LYS A 89 -14.86 14.13 18.68
CA LYS A 89 -15.68 15.30 18.37
C LYS A 89 -15.25 15.93 17.06
N SER A 90 -13.95 15.88 16.75
CA SER A 90 -13.46 16.45 15.49
C SER A 90 -13.98 15.67 14.29
N ALA A 91 -13.88 14.34 14.34
CA ALA A 91 -14.38 13.52 13.24
C ALA A 91 -15.87 13.76 13.01
N LEU A 92 -16.63 13.91 14.10
CA LEU A 92 -18.04 14.27 13.97
C LEU A 92 -18.21 15.58 13.22
N ALA A 93 -17.42 16.60 13.61
CA ALA A 93 -17.53 17.90 12.96
C ALA A 93 -17.19 17.82 11.48
N LYS A 94 -16.13 17.10 11.12
CA LYS A 94 -15.76 16.96 9.72
C LYS A 94 -16.80 16.19 8.91
N MET A 95 -17.75 15.52 9.58
CA MET A 95 -18.93 14.95 8.93
C MET A 95 -20.16 15.84 9.11
N THR A 96 -19.94 17.15 9.22
CA THR A 96 -20.97 18.18 9.38
C THR A 96 -21.72 18.06 10.71
N ILE A 97 -21.31 17.16 11.60
CA ILE A 97 -22.01 16.98 12.88
C ILE A 97 -21.34 17.92 13.87
N THR A 98 -21.71 19.19 13.78
CA THR A 98 -21.25 20.23 14.68
C THR A 98 -22.33 20.52 15.72
N GLU A 99 -22.03 21.46 16.63
CA GLU A 99 -22.99 21.80 17.69
C GLU A 99 -24.31 22.30 17.12
N ASP A 100 -24.29 22.88 15.92
CA ASP A 100 -25.51 23.35 15.28
C ASP A 100 -26.34 22.23 14.68
N HIS A 101 -25.71 21.08 14.41
CA HIS A 101 -26.43 19.98 13.79
C HIS A 101 -27.44 19.38 14.77
N PRO A 102 -28.65 19.04 14.32
CA PRO A 102 -29.65 18.49 15.24
C PRO A 102 -29.25 17.14 15.82
N LEU A 103 -28.35 16.41 15.18
CA LEU A 103 -27.88 15.13 15.72
C LEU A 103 -26.89 15.31 16.87
N PHE A 104 -26.23 16.46 16.95
CA PHE A 104 -25.23 16.68 17.99
C PHE A 104 -25.81 16.54 19.39
N LYS A 105 -27.07 16.95 19.57
CA LYS A 105 -27.71 16.85 20.88
C LYS A 105 -28.00 15.41 21.26
N GLN A 106 -28.11 14.51 20.29
CA GLN A 106 -28.45 13.11 20.54
C GLN A 106 -27.23 12.23 20.74
N VAL A 107 -26.03 12.80 20.75
CA VAL A 107 -24.80 12.02 20.81
C VAL A 107 -24.49 11.66 22.25
N PHE A 108 -24.23 10.37 22.49
CA PHE A 108 -23.73 9.92 23.79
C PHE A 108 -22.24 10.21 23.87
N TRP A 109 -21.81 10.79 24.98
CA TRP A 109 -20.41 11.18 25.16
C TRP A 109 -19.77 10.32 26.25
N ILE A 110 -18.63 9.72 25.93
CA ILE A 110 -17.86 8.98 26.92
C ILE A 110 -17.05 9.94 27.80
N ASP A 111 -16.37 10.88 27.17
CA ASP A 111 -15.65 11.93 27.87
C ASP A 111 -15.89 13.23 27.11
N ASP A 112 -15.00 14.21 27.32
CA ASP A 112 -15.16 15.49 26.64
C ASP A 112 -14.78 15.44 25.17
N LYS A 113 -14.24 14.33 24.68
CA LYS A 113 -13.81 14.25 23.29
C LYS A 113 -14.27 12.97 22.60
N ARG A 114 -14.39 11.87 23.36
CA ARG A 114 -14.78 10.60 22.78
C ARG A 114 -16.29 10.39 22.93
N ALA A 115 -16.91 9.85 21.87
CA ALA A 115 -18.35 9.72 21.82
C ALA A 115 -18.72 8.39 21.18
N LEU A 116 -19.92 7.91 21.50
CA LEU A 116 -20.50 6.77 20.81
C LEU A 116 -20.97 7.21 19.43
N ARG A 117 -20.55 6.49 18.40
CA ARG A 117 -20.86 6.88 17.03
C ARG A 117 -22.37 6.91 16.82
N PRO A 118 -22.92 7.97 16.27
CA PRO A 118 -24.31 7.94 15.79
C PRO A 118 -24.46 7.45 14.36
N MET A 119 -23.34 7.19 13.68
CA MET A 119 -23.32 6.76 12.29
C MET A 119 -21.95 6.19 11.98
N HIS A 120 -21.86 5.47 10.87
CA HIS A 120 -20.59 4.87 10.44
C HIS A 120 -19.80 5.76 9.50
N ALA A 121 -20.33 6.93 9.13
CA ALA A 121 -19.69 7.73 8.09
C ALA A 121 -18.27 8.14 8.47
N MET A 122 -18.07 8.55 9.73
CA MET A 122 -16.76 9.06 10.14
C MET A 122 -15.68 8.00 9.98
N ASN A 123 -15.94 6.79 10.48
CA ASN A 123 -14.93 5.74 10.39
C ASN A 123 -14.80 5.23 8.96
N ALA A 124 -15.91 5.21 8.22
CA ALA A 124 -15.88 4.72 6.84
C ALA A 124 -14.88 5.50 6.00
N LEU A 125 -14.99 6.82 6.00
CA LEU A 125 -14.11 7.63 5.17
C LEU A 125 -12.66 7.60 5.65
N LYS A 126 -12.42 7.34 6.93
CA LYS A 126 -11.05 7.17 7.40
C LYS A 126 -10.41 5.92 6.80
N VAL A 127 -11.15 4.81 6.78
CA VAL A 127 -10.62 3.57 6.21
C VAL A 127 -10.41 3.72 4.70
N MET A 128 -11.38 4.31 4.01
CA MET A 128 -11.28 4.43 2.56
C MET A 128 -10.12 5.34 2.16
N ARG A 129 -9.89 6.41 2.92
CA ARG A 129 -8.76 7.28 2.62
C ARG A 129 -7.44 6.52 2.74
N GLU A 130 -7.36 5.58 3.67
CA GLU A 130 -6.14 4.78 3.79
C GLU A 130 -6.02 3.77 2.66
N LEU A 131 -7.14 3.20 2.22
CA LEU A 131 -7.10 2.22 1.15
C LEU A 131 -6.71 2.83 -0.19
N ARG A 132 -6.97 4.13 -0.38
CA ARG A 132 -6.53 4.81 -1.60
C ARG A 132 -5.03 4.69 -1.80
N ASP A 133 -4.27 4.53 -0.72
CA ASP A 133 -2.83 4.34 -0.83
C ASP A 133 -2.46 2.96 -1.36
N HIS A 134 -3.42 2.05 -1.50
CA HIS A 134 -3.13 0.69 -1.92
C HIS A 134 -3.83 0.29 -3.20
N THR A 135 -4.66 1.16 -3.76
CA THR A 135 -5.32 0.92 -5.04
C THR A 135 -5.55 2.26 -5.71
N LYS A 136 -5.68 2.23 -7.03
CA LYS A 136 -5.95 3.44 -7.80
C LYS A 136 -7.39 3.53 -8.29
N GLY A 137 -8.21 2.51 -8.02
CA GLY A 137 -9.57 2.50 -8.47
C GLY A 137 -10.58 2.71 -7.37
N PRO A 138 -11.83 2.31 -7.61
CA PRO A 138 -12.89 2.53 -6.62
C PRO A 138 -12.60 1.81 -5.31
N VAL A 139 -12.87 2.49 -4.21
CA VAL A 139 -12.79 1.90 -2.87
C VAL A 139 -14.21 1.70 -2.39
N LYS A 140 -14.59 0.45 -2.14
CA LYS A 140 -15.94 0.09 -1.73
C LYS A 140 -15.86 -0.67 -0.42
N ILE A 141 -16.43 -0.10 0.64
CA ILE A 141 -16.50 -0.77 1.94
C ILE A 141 -17.91 -0.63 2.50
N PHE A 142 -18.20 -1.47 3.50
CA PHE A 142 -19.42 -1.36 4.26
C PHE A 142 -19.16 -1.87 5.67
N GLU A 143 -20.01 -1.44 6.59
CA GLU A 143 -19.95 -1.92 7.96
C GLU A 143 -21.36 -2.19 8.46
N ILE A 144 -21.49 -3.21 9.29
CA ILE A 144 -22.72 -3.53 10.00
C ILE A 144 -22.39 -3.53 11.48
N GLY A 145 -23.01 -2.64 12.23
CA GLY A 145 -22.72 -2.55 13.65
C GLY A 145 -23.59 -1.52 14.33
N SER A 146 -23.46 -1.46 15.65
CA SER A 146 -24.33 -0.63 16.47
C SER A 146 -23.98 0.85 16.34
N CYS A 147 -25.02 1.68 16.31
CA CYS A 147 -24.90 3.12 16.44
C CYS A 147 -25.79 3.59 17.58
N PHE A 148 -25.49 4.77 18.10
CA PHE A 148 -26.14 5.28 19.30
C PHE A 148 -26.64 6.69 19.08
N ARG A 149 -27.93 6.90 19.31
CA ARG A 149 -28.52 8.23 19.30
C ARG A 149 -29.52 8.32 20.45
N LYS A 150 -29.42 9.38 21.24
CA LYS A 150 -30.36 9.58 22.33
C LYS A 150 -31.78 9.61 21.79
N GLU A 151 -32.69 8.92 22.47
CA GLU A 151 -34.05 8.79 21.99
C GLU A 151 -34.80 10.12 22.09
N SER A 152 -35.54 10.45 21.05
CA SER A 152 -36.40 11.62 21.02
C SER A 152 -37.77 11.22 20.52
N LYS A 153 -38.76 12.07 20.78
CA LYS A 153 -40.13 11.77 20.37
C LYS A 153 -40.27 11.72 18.85
N SER A 154 -39.37 12.40 18.13
CA SER A 154 -39.51 12.46 16.68
C SER A 154 -38.92 11.24 15.98
N SER A 155 -37.91 10.61 16.56
CA SER A 155 -37.21 9.51 15.91
C SER A 155 -37.79 8.17 16.34
N THR A 156 -37.92 7.25 15.38
CA THR A 156 -38.40 5.90 15.64
C THR A 156 -37.27 4.94 15.96
N HIS A 157 -36.07 5.43 16.25
CA HIS A 157 -34.95 4.59 16.62
C HIS A 157 -34.84 4.48 18.13
N LEU A 158 -34.52 3.28 18.60
CA LEU A 158 -34.09 3.13 19.98
C LEU A 158 -32.70 3.75 20.15
N GLU A 159 -32.27 3.85 21.41
CA GLU A 159 -30.99 4.50 21.69
C GLU A 159 -29.82 3.71 21.10
N GLU A 160 -29.97 2.40 20.95
CA GLU A 160 -29.00 1.58 20.23
C GLU A 160 -29.72 0.82 19.12
N PHE A 161 -29.16 0.88 17.91
CA PHE A 161 -29.75 0.17 16.78
C PHE A 161 -28.63 -0.25 15.84
N THR A 162 -28.91 -1.27 15.04
CA THR A 162 -27.94 -1.82 14.10
C THR A 162 -28.06 -1.06 12.78
N MET A 163 -26.96 -0.43 12.36
CA MET A 163 -26.92 0.29 11.11
C MET A 163 -26.00 -0.42 10.13
N LEU A 164 -26.48 -0.61 8.91
CA LEU A 164 -25.63 -0.94 7.77
C LEU A 164 -25.29 0.35 7.05
N ASN A 165 -24.00 0.62 6.91
CA ASN A 165 -23.52 1.74 6.12
C ASN A 165 -22.63 1.20 5.03
N LEU A 166 -22.84 1.65 3.80
CA LEU A 166 -21.95 1.34 2.69
C LEU A 166 -21.49 2.64 2.05
N ALA A 167 -20.33 2.59 1.42
CA ALA A 167 -19.76 3.77 0.79
C ALA A 167 -18.84 3.35 -0.33
N GLU A 168 -18.78 4.19 -1.37
CA GLU A 168 -17.84 4.01 -2.46
C GLU A 168 -17.13 5.33 -2.71
N MET A 169 -15.80 5.29 -2.76
CA MET A 169 -14.98 6.44 -3.04
C MET A 169 -14.28 6.26 -4.37
N GLY A 170 -14.25 7.32 -5.18
CA GLY A 170 -13.68 7.30 -6.50
C GLY A 170 -14.31 6.29 -7.45
N PRO A 171 -15.63 6.32 -7.61
CA PRO A 171 -16.28 5.35 -8.50
C PRO A 171 -15.95 5.62 -9.95
N ASP A 172 -16.04 4.55 -10.75
CA ASP A 172 -15.85 4.65 -12.20
C ASP A 172 -17.18 5.00 -12.88
N GLY A 173 -17.66 6.18 -12.54
CA GLY A 173 -18.93 6.66 -13.06
C GLY A 173 -19.56 7.63 -12.07
N ASP A 174 -20.82 7.93 -12.31
CA ASP A 174 -21.55 8.84 -11.43
C ASP A 174 -21.72 8.20 -10.06
N PRO A 175 -21.33 8.88 -8.98
CA PRO A 175 -21.53 8.29 -7.64
C PRO A 175 -23.00 8.01 -7.33
N MET A 176 -23.90 8.92 -7.73
CA MET A 176 -25.31 8.73 -7.41
C MET A 176 -25.90 7.53 -8.17
N GLU A 177 -25.48 7.33 -9.42
CA GLU A 177 -25.93 6.16 -10.15
C GLU A 177 -25.48 4.87 -9.46
N HIS A 178 -24.24 4.84 -8.99
CA HIS A 178 -23.75 3.66 -8.29
C HIS A 178 -24.47 3.48 -6.96
N LEU A 179 -24.69 4.58 -6.23
CA LEU A 179 -25.39 4.51 -4.96
C LEU A 179 -26.78 3.89 -5.12
N LYS A 180 -27.53 4.37 -6.12
CA LYS A 180 -28.85 3.80 -6.40
C LYS A 180 -28.77 2.30 -6.63
N MET A 181 -27.76 1.85 -7.40
CA MET A 181 -27.60 0.43 -7.66
C MET A 181 -27.41 -0.35 -6.36
N TYR A 182 -26.56 0.15 -5.46
CA TYR A 182 -26.30 -0.55 -4.21
C TYR A 182 -27.54 -0.56 -3.32
N ILE A 183 -28.34 0.50 -3.34
CA ILE A 183 -29.57 0.52 -2.56
C ILE A 183 -30.54 -0.53 -3.09
N GLY A 184 -30.60 -0.70 -4.41
CA GLY A 184 -31.39 -1.78 -4.97
C GLY A 184 -30.98 -3.13 -4.42
N ASP A 185 -29.68 -3.37 -4.30
CA ASP A 185 -29.20 -4.62 -3.73
C ASP A 185 -29.66 -4.80 -2.28
N ILE A 186 -29.66 -3.72 -1.51
CA ILE A 186 -30.09 -3.82 -0.10
C ILE A 186 -31.58 -4.11 -0.02
N MET A 187 -32.37 -3.43 -0.84
CA MET A 187 -33.82 -3.66 -0.81
C MET A 187 -34.17 -5.04 -1.34
N ASP A 188 -33.39 -5.56 -2.28
CA ASP A 188 -33.59 -6.94 -2.73
C ASP A 188 -33.37 -7.93 -1.60
N ALA A 189 -32.30 -7.75 -0.82
CA ALA A 189 -32.03 -8.63 0.31
C ALA A 189 -33.14 -8.54 1.34
N VAL A 190 -33.66 -7.34 1.58
CA VAL A 190 -34.82 -7.20 2.46
C VAL A 190 -36.07 -7.75 1.78
N GLY A 191 -36.17 -7.58 0.46
CA GLY A 191 -37.34 -8.05 -0.27
C GLY A 191 -38.52 -7.11 -0.13
N VAL A 192 -38.30 -5.82 -0.36
CA VAL A 192 -39.35 -4.82 -0.24
C VAL A 192 -39.26 -3.85 -1.41
N GLU A 193 -40.42 -3.34 -1.81
CA GLU A 193 -40.47 -2.26 -2.78
C GLU A 193 -40.12 -0.94 -2.10
N TYR A 194 -39.56 -0.02 -2.87
CA TYR A 194 -39.04 1.22 -2.32
C TYR A 194 -39.07 2.29 -3.39
N THR A 195 -38.97 3.54 -2.94
CA THR A 195 -38.86 4.69 -3.84
C THR A 195 -37.67 5.54 -3.41
N THR A 196 -37.10 6.26 -4.38
CA THR A 196 -35.99 7.16 -4.14
C THR A 196 -36.27 8.51 -4.78
N SER A 197 -35.73 9.56 -4.17
CA SER A 197 -35.91 10.93 -4.67
C SER A 197 -34.59 11.67 -4.55
N ARG A 198 -34.05 12.11 -5.67
CA ARG A 198 -32.85 12.93 -5.67
C ARG A 198 -33.21 14.34 -5.20
N GLU A 199 -32.53 14.81 -4.15
CA GLU A 199 -32.81 16.10 -3.56
C GLU A 199 -31.58 17.00 -3.62
N GLU A 200 -31.82 18.28 -3.88
CA GLU A 200 -30.75 19.26 -3.86
C GLU A 200 -30.30 19.51 -2.43
N SER A 201 -29.05 19.95 -2.29
CA SER A 201 -28.47 20.12 -0.96
C SER A 201 -27.53 21.32 -0.96
N ASP A 202 -27.59 22.08 0.14
CA ASP A 202 -26.58 23.10 0.42
C ASP A 202 -25.37 22.52 1.15
N VAL A 203 -25.44 21.26 1.58
CA VAL A 203 -24.39 20.61 2.33
C VAL A 203 -23.63 19.61 1.46
N TRP A 204 -24.36 18.74 0.75
CA TRP A 204 -23.77 17.70 -0.06
C TRP A 204 -23.92 18.02 -1.54
N VAL A 205 -23.18 17.27 -2.36
CA VAL A 205 -23.35 17.38 -3.81
C VAL A 205 -24.78 17.05 -4.19
N GLU A 206 -25.37 16.08 -3.52
CA GLU A 206 -26.76 15.67 -3.74
C GLU A 206 -27.12 14.71 -2.62
N THR A 207 -28.42 14.61 -2.34
CA THR A 207 -28.93 13.64 -1.39
C THR A 207 -29.97 12.76 -2.06
N LEU A 208 -30.15 11.57 -1.49
CA LEU A 208 -31.07 10.57 -2.03
C LEU A 208 -31.91 10.03 -0.88
N ASP A 209 -33.16 10.49 -0.78
CA ASP A 209 -34.08 9.98 0.23
C ASP A 209 -34.67 8.66 -0.24
N VAL A 210 -34.64 7.66 0.64
CA VAL A 210 -35.19 6.34 0.38
C VAL A 210 -36.43 6.16 1.24
N GLU A 211 -37.54 5.75 0.63
CA GLU A 211 -38.79 5.56 1.33
C GLU A 211 -39.34 4.17 1.05
N ILE A 212 -39.98 3.59 2.07
CA ILE A 212 -40.65 2.30 1.97
C ILE A 212 -42.07 2.47 2.49
N ASN A 213 -43.06 2.20 1.64
CA ASN A 213 -44.47 2.38 1.98
C ASN A 213 -44.76 3.81 2.42
N GLY A 214 -44.09 4.77 1.79
CA GLY A 214 -44.28 6.17 2.09
C GLY A 214 -43.56 6.67 3.33
N THR A 215 -42.85 5.80 4.04
CA THR A 215 -42.08 6.21 5.21
C THR A 215 -40.60 6.28 4.86
N GLU A 216 -39.97 7.41 5.17
CA GLU A 216 -38.58 7.61 4.81
C GLU A 216 -37.69 6.69 5.65
N VAL A 217 -36.92 5.85 4.97
CA VAL A 217 -36.06 4.88 5.64
C VAL A 217 -34.67 5.44 5.89
N ALA A 218 -34.08 6.08 4.88
CA ALA A 218 -32.73 6.60 4.99
C ALA A 218 -32.52 7.67 3.92
N SER A 219 -31.42 8.40 4.07
CA SER A 219 -31.04 9.44 3.12
C SER A 219 -29.57 9.26 2.75
N GLY A 220 -29.30 9.14 1.45
CA GLY A 220 -27.94 9.02 0.98
C GLY A 220 -27.29 10.36 0.71
N SER A 221 -25.97 10.34 0.54
CA SER A 221 -25.19 11.55 0.32
C SER A 221 -24.08 11.26 -0.67
N VAL A 222 -23.74 12.28 -1.48
CA VAL A 222 -22.80 12.12 -2.58
C VAL A 222 -21.70 13.16 -2.44
N GLY A 223 -20.48 12.77 -2.82
CA GLY A 223 -19.35 13.66 -2.96
C GLY A 223 -18.91 14.23 -1.63
N PRO A 224 -17.80 14.96 -1.63
CA PRO A 224 -17.40 15.70 -0.43
C PRO A 224 -18.44 16.75 -0.10
N HIS A 225 -18.62 17.02 1.18
CA HIS A 225 -19.58 18.02 1.56
C HIS A 225 -18.97 19.42 1.44
N LYS A 226 -19.83 20.43 1.50
CA LYS A 226 -19.46 21.80 1.19
C LYS A 226 -19.23 22.66 2.44
N LEU A 227 -19.45 22.13 3.64
CA LEU A 227 -19.42 22.95 4.83
C LEU A 227 -17.99 23.37 5.17
N ASP A 228 -17.88 24.49 5.90
CA ASP A 228 -16.58 25.09 6.16
C ASP A 228 -15.64 24.17 6.94
N PRO A 229 -16.05 23.54 8.05
CA PRO A 229 -15.20 22.48 8.62
C PRO A 229 -15.14 21.29 7.67
N ALA A 230 -14.29 21.40 6.65
CA ALA A 230 -14.30 20.46 5.54
C ALA A 230 -13.71 19.12 5.96
N HIS A 231 -13.93 18.11 5.11
CA HIS A 231 -13.42 16.78 5.34
C HIS A 231 -12.09 16.59 4.63
N ASP A 232 -11.33 15.59 5.09
CA ASP A 232 -9.99 15.37 4.55
C ASP A 232 -10.04 14.79 3.14
N VAL A 233 -11.12 14.10 2.78
CA VAL A 233 -11.24 13.45 1.48
C VAL A 233 -11.91 14.42 0.51
N HIS A 234 -11.27 14.61 -0.65
CA HIS A 234 -11.80 15.47 -1.69
C HIS A 234 -12.20 14.72 -2.95
N GLU A 235 -12.05 13.41 -2.97
CA GLU A 235 -12.54 12.61 -4.09
C GLU A 235 -14.06 12.50 -4.01
N PRO A 236 -14.72 12.30 -5.16
CA PRO A 236 -16.16 12.02 -5.13
C PRO A 236 -16.43 10.71 -4.40
N TRP A 237 -17.49 10.70 -3.60
CA TRP A 237 -17.88 9.49 -2.92
C TRP A 237 -19.37 9.55 -2.59
N ALA A 238 -19.96 8.37 -2.44
CA ALA A 238 -21.36 8.24 -2.06
C ALA A 238 -21.48 7.24 -0.92
N GLY A 239 -22.45 7.46 -0.06
CA GLY A 239 -22.68 6.55 1.05
C GLY A 239 -24.10 6.70 1.57
N ILE A 240 -24.56 5.67 2.27
CA ILE A 240 -25.88 5.69 2.87
C ILE A 240 -25.90 4.68 4.01
N GLY A 241 -26.63 5.03 5.07
CA GLY A 241 -26.78 4.15 6.21
C GLY A 241 -28.22 3.73 6.45
N PHE A 242 -28.44 2.44 6.62
CA PHE A 242 -29.77 1.89 6.85
C PHE A 242 -29.83 1.27 8.24
N GLY A 243 -30.87 1.64 9.00
CA GLY A 243 -31.16 0.94 10.24
C GLY A 243 -31.76 -0.41 9.92
N LEU A 244 -31.08 -1.49 10.31
CA LEU A 244 -31.50 -2.82 9.86
C LEU A 244 -32.77 -3.28 10.55
N GLU A 245 -32.90 -3.04 11.86
CA GLU A 245 -34.13 -3.39 12.55
C GLU A 245 -35.32 -2.62 11.97
N ARG A 246 -35.10 -1.38 11.55
CA ARG A 246 -36.16 -0.63 10.88
C ARG A 246 -36.56 -1.30 9.57
N LEU A 247 -35.57 -1.78 8.81
CA LEU A 247 -35.88 -2.47 7.55
C LEU A 247 -36.64 -3.76 7.79
N LEU A 248 -36.29 -4.48 8.87
CA LEU A 248 -37.03 -5.69 9.21
C LEU A 248 -38.45 -5.37 9.66
N MET A 249 -38.63 -4.25 10.38
CA MET A 249 -39.97 -3.85 10.80
C MET A 249 -40.84 -3.50 9.60
N LEU A 250 -40.31 -2.71 8.67
CA LEU A 250 -41.01 -2.34 7.45
C LEU A 250 -41.05 -3.46 6.42
N LYS A 251 -40.38 -4.59 6.69
CA LYS A 251 -40.37 -5.70 5.76
C LYS A 251 -41.76 -6.25 5.53
N ASN A 252 -42.55 -6.41 6.61
CA ASN A 252 -43.92 -6.88 6.49
C ASN A 252 -44.87 -5.81 5.96
N GLY A 253 -44.40 -4.57 5.78
CA GLY A 253 -45.19 -3.50 5.20
C GLY A 253 -45.79 -2.55 6.21
N LYS A 254 -46.07 -3.01 7.42
CA LYS A 254 -46.73 -2.21 8.43
C LYS A 254 -45.70 -1.55 9.35
N SER A 255 -46.10 -0.43 9.95
CA SER A 255 -45.28 0.29 10.91
C SER A 255 -46.15 0.68 12.09
N ASN A 256 -45.78 0.23 13.28
CA ASN A 256 -46.57 0.43 14.49
C ASN A 256 -46.08 1.58 15.35
N ALA A 257 -45.20 2.43 14.82
CA ALA A 257 -44.59 3.54 15.56
C ALA A 257 -43.86 3.06 16.82
N ARG A 258 -43.51 1.78 16.87
CA ARG A 258 -42.72 1.23 17.97
C ARG A 258 -41.25 1.31 17.60
N LYS A 259 -40.44 1.84 18.52
CA LYS A 259 -39.05 2.11 18.23
C LYS A 259 -38.26 0.82 18.00
N THR A 260 -37.42 0.83 16.97
CA THR A 260 -36.65 -0.33 16.55
C THR A 260 -35.18 -0.15 16.93
N GLY A 261 -34.52 -1.28 17.16
CA GLY A 261 -33.11 -1.26 17.54
C GLY A 261 -32.82 -2.41 18.49
N LYS A 262 -31.71 -2.26 19.21
CA LYS A 262 -31.29 -3.28 20.17
C LYS A 262 -32.23 -3.29 21.37
N SER A 263 -32.90 -4.42 21.58
CA SER A 263 -33.83 -4.56 22.69
C SER A 263 -33.61 -5.90 23.39
N ILE A 264 -33.74 -5.89 24.71
CA ILE A 264 -33.69 -7.13 25.48
C ILE A 264 -35.07 -7.76 25.66
N THR A 265 -36.13 -7.09 25.19
CA THR A 265 -37.49 -7.58 25.35
C THR A 265 -38.05 -8.25 24.10
N TYR A 266 -37.32 -8.25 22.99
CA TYR A 266 -37.81 -8.81 21.74
C TYR A 266 -36.80 -9.78 21.15
N LEU A 267 -37.32 -10.78 20.44
CA LEU A 267 -36.51 -11.84 19.85
C LEU A 267 -37.18 -12.24 18.54
N ASN A 268 -36.52 -11.94 17.42
CA ASN A 268 -37.10 -12.11 16.09
C ASN A 268 -38.45 -11.39 15.97
N GLY A 269 -38.60 -10.27 16.65
CA GLY A 269 -39.83 -9.50 16.60
C GLY A 269 -40.92 -9.96 17.54
N TYR A 270 -40.71 -11.05 18.27
CA TYR A 270 -41.70 -11.56 19.21
C TYR A 270 -41.37 -11.07 20.61
N LYS A 271 -42.41 -10.67 21.34
CA LYS A 271 -42.24 -10.10 22.67
C LYS A 271 -41.96 -11.22 23.68
N LEU A 272 -40.88 -11.06 24.44
CA LEU A 272 -40.50 -12.07 25.43
C LEU A 272 -41.26 -11.90 26.73
N ASP A 273 -41.40 -10.67 27.20
CA ASP A 273 -42.05 -10.40 28.48
C ASP A 273 -43.53 -10.13 28.30
N MET B 1 41.22 18.34 -20.17
CA MET B 1 42.28 17.38 -20.44
C MET B 1 41.89 16.41 -21.54
N VAL B 2 41.24 15.32 -21.15
CA VAL B 2 40.89 14.25 -22.08
C VAL B 2 39.59 14.60 -22.78
N VAL B 3 39.54 14.31 -24.09
CA VAL B 3 38.33 14.52 -24.88
C VAL B 3 37.82 13.17 -25.39
N LYS B 4 36.53 13.14 -25.70
CA LYS B 4 35.87 11.99 -26.31
C LYS B 4 35.40 12.37 -27.70
N PHE B 5 34.93 11.35 -28.44
CA PHE B 5 34.29 11.60 -29.72
C PHE B 5 33.18 12.62 -29.57
N THR B 6 33.01 13.45 -30.59
CA THR B 6 31.87 14.36 -30.59
C THR B 6 30.57 13.59 -30.78
N ASP B 7 29.45 14.23 -30.45
CA ASP B 7 28.16 13.60 -30.64
C ASP B 7 27.91 13.30 -32.12
N SER B 8 28.39 14.17 -33.00
CA SER B 8 28.29 13.90 -34.44
C SER B 8 29.13 12.69 -34.82
N GLN B 9 30.33 12.57 -34.26
CA GLN B 9 31.19 11.43 -34.57
C GLN B 9 30.62 10.14 -34.01
N ILE B 10 30.07 10.17 -32.80
CA ILE B 10 29.42 9.00 -32.24
C ILE B 10 28.28 8.53 -33.13
N GLN B 11 27.52 9.48 -33.68
CA GLN B 11 26.39 9.12 -34.54
C GLN B 11 26.85 8.53 -35.87
N HIS B 12 27.92 9.07 -36.45
CA HIS B 12 28.44 8.51 -37.69
C HIS B 12 28.94 7.09 -37.47
N LEU B 13 29.68 6.87 -36.38
CA LEU B 13 30.22 5.53 -36.11
C LEU B 13 29.10 4.55 -35.79
N MET B 14 28.04 5.01 -35.11
CA MET B 14 26.95 4.12 -34.76
C MET B 14 26.20 3.62 -35.98
N GLU B 15 26.15 4.42 -37.05
CA GLU B 15 25.38 4.03 -38.23
C GLU B 15 26.06 2.90 -39.00
N TYR B 16 27.38 2.77 -38.89
CA TYR B 16 28.13 1.78 -39.65
C TYR B 16 28.73 0.68 -38.79
N GLY B 17 28.52 0.71 -37.48
CA GLY B 17 29.13 -0.28 -36.62
C GLY B 17 28.26 -0.60 -35.42
N ASP B 18 28.71 -1.60 -34.65
CA ASP B 18 28.00 -2.06 -33.48
C ASP B 18 28.76 -1.83 -32.18
N ASN B 19 30.05 -1.47 -32.26
CA ASN B 19 30.85 -1.25 -31.06
C ASN B 19 30.34 -0.03 -30.30
N ASP B 20 30.82 0.12 -29.07
CA ASP B 20 30.44 1.23 -28.21
C ASP B 20 31.63 2.19 -28.15
N TRP B 21 31.63 3.18 -29.04
CA TRP B 21 32.67 4.19 -29.06
C TRP B 21 32.43 5.32 -28.06
N SER B 22 31.31 5.27 -27.32
CA SER B 22 31.00 6.34 -26.38
C SER B 22 31.98 6.40 -25.21
N GLU B 23 32.77 5.36 -24.99
CA GLU B 23 33.75 5.33 -23.91
C GLU B 23 35.17 5.56 -24.39
N ALA B 24 35.37 5.78 -25.69
CA ALA B 24 36.71 6.02 -26.21
C ALA B 24 37.21 7.40 -25.77
N GLU B 25 38.47 7.45 -25.32
CA GLU B 25 39.07 8.67 -24.82
C GLU B 25 40.37 8.94 -25.57
N PHE B 26 40.67 10.22 -25.74
CA PHE B 26 41.83 10.64 -26.53
C PHE B 26 42.52 11.82 -25.84
N GLU B 27 43.80 12.00 -26.17
CA GLU B 27 44.59 13.03 -25.51
C GLU B 27 44.05 14.42 -25.82
N ASP B 28 43.78 14.70 -27.10
CA ASP B 28 43.30 16.03 -27.47
C ASP B 28 42.41 15.89 -28.71
N ALA B 29 42.02 17.04 -29.28
CA ALA B 29 41.13 17.04 -30.43
C ALA B 29 41.79 16.40 -31.65
N ALA B 30 43.09 16.64 -31.84
CA ALA B 30 43.78 16.11 -33.00
C ALA B 30 43.78 14.59 -33.01
N ALA B 31 44.03 13.97 -31.86
CA ALA B 31 44.03 12.51 -31.78
C ALA B 31 42.63 11.94 -31.98
N ARG B 32 41.61 12.65 -31.49
CA ARG B 32 40.24 12.20 -31.64
C ARG B 32 39.81 12.21 -33.10
N ASP B 33 40.03 13.33 -33.80
CA ASP B 33 39.66 13.42 -35.21
C ASP B 33 40.47 12.43 -36.05
N LYS B 34 41.74 12.22 -35.68
CA LYS B 34 42.56 11.25 -36.40
C LYS B 34 42.01 9.85 -36.27
N GLU B 35 41.58 9.47 -35.06
CA GLU B 35 41.04 8.13 -34.86
C GLU B 35 39.65 7.99 -35.49
N PHE B 36 38.87 9.06 -35.50
CA PHE B 36 37.54 8.97 -36.11
C PHE B 36 37.64 8.82 -37.63
N SER B 37 38.47 9.63 -38.28
CA SER B 37 38.64 9.53 -39.72
C SER B 37 39.08 8.13 -40.13
N SER B 38 40.05 7.58 -39.41
CA SER B 38 40.49 6.22 -39.69
C SER B 38 39.36 5.22 -39.44
N GLN B 39 38.75 5.29 -38.26
CA GLN B 39 37.73 4.31 -37.88
C GLN B 39 36.50 4.41 -38.78
N PHE B 40 36.10 5.62 -39.15
CA PHE B 40 34.94 5.79 -40.01
C PHE B 40 35.20 5.24 -41.41
N SER B 41 36.38 5.51 -41.96
CA SER B 41 36.73 4.96 -43.27
C SER B 41 36.79 3.44 -43.24
N LYS B 42 37.27 2.87 -42.12
CA LYS B 42 37.31 1.42 -42.00
C LYS B 42 35.90 0.83 -41.96
N LEU B 43 35.01 1.45 -41.18
CA LEU B 43 33.63 0.96 -41.10
C LEU B 43 32.91 1.08 -42.43
N LYS B 44 33.06 2.22 -43.11
CA LYS B 44 32.39 2.40 -44.38
C LYS B 44 32.96 1.48 -45.45
N SER B 45 34.27 1.25 -45.42
CA SER B 45 34.87 0.31 -46.37
C SER B 45 34.38 -1.11 -46.11
N ALA B 46 34.30 -1.51 -44.84
CA ALA B 46 33.82 -2.86 -44.52
C ALA B 46 32.32 -2.98 -44.80
N ASN B 47 31.56 -1.90 -44.59
CA ASN B 47 30.13 -1.93 -44.86
C ASN B 47 29.85 -2.23 -46.33
N ASP B 48 30.57 -1.56 -47.22
CA ASP B 48 30.35 -1.76 -48.65
C ASP B 48 30.81 -3.14 -49.09
N LYS B 49 31.90 -3.64 -48.49
CA LYS B 49 32.37 -4.99 -48.81
C LYS B 49 31.32 -6.03 -48.46
N GLY B 50 30.80 -5.99 -47.23
CA GLY B 50 29.77 -6.93 -46.84
C GLY B 50 28.50 -6.78 -47.66
N LEU B 51 28.14 -5.54 -48.00
CA LEU B 51 26.94 -5.29 -48.78
C LEU B 51 27.07 -5.89 -50.18
N LYS B 52 28.27 -5.83 -50.77
CA LYS B 52 28.49 -6.48 -52.05
C LYS B 52 28.43 -8.00 -51.92
N ASP B 53 28.89 -8.54 -50.78
CA ASP B 53 28.84 -9.97 -50.57
C ASP B 53 27.41 -10.48 -50.49
N VAL B 54 26.51 -9.68 -49.91
CA VAL B 54 25.11 -10.10 -49.82
C VAL B 54 24.49 -10.16 -51.21
N ILE B 55 24.74 -9.16 -52.04
CA ILE B 55 24.27 -9.20 -53.43
C ILE B 55 24.82 -10.44 -54.14
N ALA B 56 26.07 -10.78 -53.86
CA ALA B 56 26.67 -11.96 -54.49
C ALA B 56 26.13 -13.24 -53.88
N ASN B 57 26.04 -13.30 -52.55
CA ASN B 57 25.55 -14.48 -51.83
C ASN B 57 24.34 -14.06 -51.00
N PRO B 58 23.14 -14.08 -51.57
CA PRO B 58 21.97 -13.57 -50.86
C PRO B 58 21.63 -14.38 -49.62
N ARG B 59 21.14 -13.69 -48.61
CA ARG B 59 20.77 -14.24 -47.33
C ARG B 59 20.04 -13.16 -46.55
N ASN B 60 19.22 -13.56 -45.59
CA ASN B 60 18.55 -12.64 -44.69
C ASN B 60 18.69 -13.16 -43.27
N ASP B 61 19.48 -12.46 -42.45
CA ASP B 61 19.76 -12.94 -41.10
C ASP B 61 18.49 -13.07 -40.27
N LEU B 62 17.58 -12.10 -40.40
CA LEU B 62 16.33 -12.16 -39.63
C LEU B 62 15.51 -13.38 -40.00
N THR B 63 15.37 -13.67 -41.30
CA THR B 63 14.64 -14.85 -41.73
C THR B 63 15.32 -16.12 -41.24
N ASP B 64 16.65 -16.17 -41.29
CA ASP B 64 17.36 -17.35 -40.81
C ASP B 64 17.14 -17.56 -39.32
N LEU B 65 17.23 -16.48 -38.53
CA LEU B 65 16.99 -16.60 -37.09
C LEU B 65 15.55 -17.05 -36.82
N GLU B 66 14.58 -16.49 -37.56
CA GLU B 66 13.19 -16.87 -37.37
C GLU B 66 12.98 -18.35 -37.63
N ASN B 67 13.58 -18.89 -38.69
CA ASN B 67 13.36 -20.28 -39.04
C ASN B 67 14.05 -21.22 -38.06
N LYS B 68 15.13 -20.77 -37.42
CA LYS B 68 15.75 -21.58 -36.37
C LYS B 68 14.88 -21.58 -35.12
N ILE B 69 14.24 -20.45 -34.81
CA ILE B 69 13.33 -20.39 -33.68
C ILE B 69 12.13 -21.30 -33.92
N ARG B 70 11.59 -21.29 -35.14
CA ARG B 70 10.48 -22.18 -35.48
C ARG B 70 10.85 -23.63 -35.25
N GLU B 71 12.06 -24.03 -35.64
CA GLU B 71 12.49 -25.40 -35.43
C GLU B 71 12.54 -25.74 -33.94
N LYS B 72 13.02 -24.81 -33.12
CA LYS B 72 13.09 -25.06 -31.68
C LYS B 72 11.69 -25.20 -31.08
N LEU B 73 10.78 -24.29 -31.43
CA LEU B 73 9.45 -24.31 -30.83
C LEU B 73 8.56 -25.39 -31.41
N ALA B 74 8.76 -25.77 -32.68
CA ALA B 74 8.03 -26.91 -33.22
C ALA B 74 8.40 -28.19 -32.50
N ALA B 75 9.65 -28.32 -32.05
CA ALA B 75 10.06 -29.48 -31.28
C ALA B 75 9.40 -29.53 -29.90
N ARG B 76 8.98 -28.38 -29.38
CA ARG B 76 8.29 -28.30 -28.10
C ARG B 76 6.78 -28.39 -28.23
N GLY B 77 6.24 -28.52 -29.44
CA GLY B 77 4.82 -28.62 -29.65
C GLY B 77 4.09 -27.31 -29.83
N PHE B 78 4.80 -26.23 -30.15
CA PHE B 78 4.16 -24.93 -30.33
C PHE B 78 3.55 -24.83 -31.73
N ILE B 79 2.44 -24.11 -31.81
CA ILE B 79 1.79 -23.78 -33.08
C ILE B 79 2.11 -22.33 -33.41
N GLU B 80 2.53 -22.07 -34.65
CA GLU B 80 2.72 -20.71 -35.09
C GLU B 80 1.40 -20.12 -35.54
N VAL B 81 1.15 -18.87 -35.16
CA VAL B 81 -0.11 -18.20 -35.49
C VAL B 81 0.18 -16.89 -36.19
N HIS B 82 -0.76 -16.47 -37.03
CA HIS B 82 -0.72 -15.17 -37.69
C HIS B 82 -1.97 -14.40 -37.25
N THR B 83 -1.79 -13.41 -36.40
CA THR B 83 -2.90 -12.63 -35.86
C THR B 83 -2.84 -11.20 -36.36
N PRO B 84 -3.98 -10.50 -36.36
CA PRO B 84 -3.99 -9.12 -36.87
C PRO B 84 -3.11 -8.19 -36.05
N ILE B 85 -2.57 -7.18 -36.72
CA ILE B 85 -1.85 -6.12 -36.04
C ILE B 85 -2.82 -5.19 -35.32
N PHE B 86 -4.01 -4.98 -35.88
CA PHE B 86 -5.03 -4.15 -35.23
C PHE B 86 -5.52 -4.83 -33.96
N VAL B 87 -5.42 -4.12 -32.84
CA VAL B 87 -5.95 -4.59 -31.55
C VAL B 87 -6.84 -3.50 -30.98
N SER B 88 -7.80 -3.93 -30.16
CA SER B 88 -8.80 -3.02 -29.60
C SER B 88 -8.28 -2.35 -28.33
N LYS B 89 -8.88 -1.21 -28.02
CA LYS B 89 -8.55 -0.52 -26.78
C LYS B 89 -8.91 -1.38 -25.56
N SER B 90 -10.01 -2.13 -25.66
CA SER B 90 -10.41 -3.00 -24.55
C SER B 90 -9.43 -4.13 -24.35
N ALA B 91 -8.94 -4.73 -25.44
CA ALA B 91 -7.97 -5.82 -25.32
C ALA B 91 -6.68 -5.33 -24.66
N LEU B 92 -6.27 -4.11 -24.98
CA LEU B 92 -5.08 -3.54 -24.34
C LEU B 92 -5.30 -3.38 -22.84
N ALA B 93 -6.44 -2.83 -22.44
CA ALA B 93 -6.73 -2.63 -21.02
C ALA B 93 -6.73 -3.96 -20.27
N LYS B 94 -7.32 -5.00 -20.86
CA LYS B 94 -7.32 -6.31 -20.23
C LYS B 94 -5.95 -6.95 -20.16
N MET B 95 -4.96 -6.40 -20.87
CA MET B 95 -3.57 -6.76 -20.71
C MET B 95 -2.81 -5.78 -19.82
N THR B 96 -3.52 -5.10 -18.92
CA THR B 96 -3.03 -4.08 -18.00
C THR B 96 -2.58 -2.81 -18.69
N ILE B 97 -2.82 -2.67 -20.00
CA ILE B 97 -2.36 -1.49 -20.75
C ILE B 97 -3.52 -0.51 -20.75
N THR B 98 -3.64 0.24 -19.66
CA THR B 98 -4.62 1.30 -19.51
C THR B 98 -3.93 2.66 -19.61
N GLU B 99 -4.71 3.73 -19.41
CA GLU B 99 -4.13 5.07 -19.49
C GLU B 99 -3.03 5.28 -18.46
N ASP B 100 -3.07 4.54 -17.35
CA ASP B 100 -2.03 4.64 -16.33
C ASP B 100 -0.75 3.95 -16.76
N HIS B 101 -0.82 3.00 -17.69
CA HIS B 101 0.37 2.27 -18.10
C HIS B 101 1.26 3.14 -18.96
N PRO B 102 2.58 3.11 -18.73
CA PRO B 102 3.48 3.94 -19.57
C PRO B 102 3.46 3.56 -21.04
N LEU B 103 3.04 2.33 -21.38
CA LEU B 103 2.99 1.91 -22.77
C LEU B 103 1.83 2.55 -23.53
N PHE B 104 0.85 3.09 -22.81
CA PHE B 104 -0.33 3.64 -23.49
C PHE B 104 0.03 4.84 -24.35
N LYS B 105 0.98 5.66 -23.90
CA LYS B 105 1.39 6.82 -24.67
C LYS B 105 2.14 6.46 -25.94
N GLN B 106 2.76 5.28 -25.99
CA GLN B 106 3.52 4.85 -27.15
C GLN B 106 2.67 4.15 -28.21
N VAL B 107 1.39 3.92 -27.93
CA VAL B 107 0.55 3.13 -28.82
C VAL B 107 0.11 3.99 -30.01
N PHE B 108 0.28 3.44 -31.22
CA PHE B 108 -0.27 4.08 -32.41
C PHE B 108 -1.74 3.73 -32.53
N TRP B 109 -2.57 4.75 -32.74
CA TRP B 109 -4.02 4.57 -32.85
C TRP B 109 -4.45 4.82 -34.29
N ILE B 110 -5.19 3.88 -34.86
CA ILE B 110 -5.76 4.07 -36.18
C ILE B 110 -7.19 4.62 -36.09
N ASP B 111 -7.93 4.24 -35.06
CA ASP B 111 -9.27 4.76 -34.81
C ASP B 111 -9.38 5.05 -33.31
N ASP B 112 -10.59 5.40 -32.87
CA ASP B 112 -10.82 5.64 -31.45
C ASP B 112 -10.74 4.33 -30.67
N LYS B 113 -11.07 3.21 -31.30
CA LYS B 113 -11.07 1.90 -30.66
C LYS B 113 -9.93 1.00 -31.09
N ARG B 114 -9.53 1.05 -32.36
CA ARG B 114 -8.51 0.15 -32.87
C ARG B 114 -7.12 0.78 -32.82
N ALA B 115 -6.11 -0.06 -32.62
CA ALA B 115 -4.74 0.41 -32.46
C ALA B 115 -3.78 -0.61 -33.07
N LEU B 116 -2.58 -0.12 -33.36
CA LEU B 116 -1.50 -1.00 -33.77
C LEU B 116 -0.92 -1.70 -32.55
N ARG B 117 -0.83 -3.02 -32.61
CA ARG B 117 -0.38 -3.79 -31.46
C ARG B 117 1.02 -3.35 -31.03
N PRO B 118 1.24 -3.06 -29.75
CA PRO B 118 2.60 -2.85 -29.24
C PRO B 118 3.27 -4.14 -28.76
N MET B 119 2.54 -5.24 -28.77
CA MET B 119 2.98 -6.53 -28.27
C MET B 119 1.98 -7.58 -28.77
N HIS B 120 2.39 -8.85 -28.72
CA HIS B 120 1.53 -9.93 -29.18
C HIS B 120 0.64 -10.51 -28.09
N ALA B 121 0.74 -10.03 -26.85
CA ALA B 121 0.11 -10.71 -25.73
C ALA B 121 -1.41 -10.75 -25.86
N MET B 122 -2.01 -9.65 -26.32
CA MET B 122 -3.47 -9.61 -26.43
C MET B 122 -4.00 -10.70 -27.36
N ASN B 123 -3.44 -10.80 -28.56
CA ASN B 123 -3.93 -11.78 -29.52
C ASN B 123 -3.54 -13.19 -29.13
N ALA B 124 -2.35 -13.37 -28.57
CA ALA B 124 -1.90 -14.70 -28.18
C ALA B 124 -2.85 -15.31 -27.15
N LEU B 125 -3.13 -14.57 -26.08
CA LEU B 125 -4.06 -15.08 -25.06
C LEU B 125 -5.45 -15.27 -25.64
N LYS B 126 -5.85 -14.45 -26.61
CA LYS B 126 -7.14 -14.60 -27.23
C LYS B 126 -7.22 -15.89 -28.05
N VAL B 127 -6.14 -16.23 -28.77
CA VAL B 127 -6.14 -17.45 -29.57
C VAL B 127 -6.02 -18.68 -28.68
N MET B 128 -5.25 -18.58 -27.60
CA MET B 128 -5.08 -19.72 -26.70
C MET B 128 -6.40 -20.08 -26.01
N ARG B 129 -7.21 -19.07 -25.67
CA ARG B 129 -8.50 -19.35 -25.05
C ARG B 129 -9.42 -20.10 -26.00
N GLU B 130 -9.38 -19.75 -27.29
CA GLU B 130 -10.21 -20.45 -28.26
C GLU B 130 -9.72 -21.88 -28.49
N LEU B 131 -8.39 -22.08 -28.47
CA LEU B 131 -7.85 -23.43 -28.62
C LEU B 131 -8.17 -24.30 -27.42
N ARG B 132 -8.42 -23.71 -26.24
CA ARG B 132 -8.82 -24.48 -25.07
C ARG B 132 -10.12 -25.25 -25.32
N ASP B 133 -10.98 -24.73 -26.20
CA ASP B 133 -12.22 -25.42 -26.55
C ASP B 133 -12.01 -26.64 -27.43
N HIS B 134 -10.78 -26.90 -27.87
CA HIS B 134 -10.49 -28.02 -28.76
C HIS B 134 -9.46 -28.99 -28.20
N THR B 135 -8.85 -28.67 -27.05
CA THR B 135 -7.91 -29.57 -26.41
C THR B 135 -8.00 -29.37 -24.90
N LYS B 136 -7.60 -30.39 -24.16
CA LYS B 136 -7.58 -30.34 -22.71
C LYS B 136 -6.17 -30.34 -22.14
N GLY B 137 -5.15 -30.47 -22.99
CA GLY B 137 -3.77 -30.40 -22.56
C GLY B 137 -3.21 -29.00 -22.69
N PRO B 138 -1.90 -28.86 -22.55
CA PRO B 138 -1.27 -27.53 -22.67
C PRO B 138 -1.54 -26.92 -24.04
N VAL B 139 -1.71 -25.60 -24.05
CA VAL B 139 -1.86 -24.83 -25.28
C VAL B 139 -0.59 -24.02 -25.46
N LYS B 140 0.16 -24.33 -26.52
CA LYS B 140 1.45 -23.71 -26.80
C LYS B 140 1.42 -23.10 -28.19
N ILE B 141 1.55 -21.77 -28.25
CA ILE B 141 1.56 -21.05 -29.51
C ILE B 141 2.66 -20.01 -29.48
N PHE B 142 3.03 -19.53 -30.67
CA PHE B 142 3.94 -18.42 -30.78
C PHE B 142 3.60 -17.64 -32.05
N GLU B 143 4.07 -16.40 -32.10
CA GLU B 143 3.91 -15.56 -33.28
C GLU B 143 5.19 -14.78 -33.50
N ILE B 144 5.51 -14.54 -34.78
CA ILE B 144 6.59 -13.66 -35.20
C ILE B 144 5.99 -12.63 -36.13
N GLY B 145 6.06 -11.36 -35.74
CA GLY B 145 5.44 -10.31 -36.53
C GLY B 145 5.74 -8.95 -35.97
N SER B 146 5.38 -7.93 -36.75
CA SER B 146 5.73 -6.55 -36.41
C SER B 146 4.90 -6.04 -35.23
N CYS B 147 5.55 -5.26 -34.37
CA CYS B 147 4.88 -4.53 -33.30
C CYS B 147 5.29 -3.06 -33.38
N PHE B 148 4.42 -2.20 -32.84
CA PHE B 148 4.56 -0.76 -33.02
C PHE B 148 4.51 -0.06 -31.67
N ARG B 149 5.49 0.81 -31.43
CA ARG B 149 5.52 1.67 -30.25
C ARG B 149 6.17 2.98 -30.65
N LYS B 150 5.56 4.09 -30.26
CA LYS B 150 6.15 5.40 -30.53
C LYS B 150 7.53 5.47 -29.88
N GLU B 151 8.52 5.93 -30.65
CA GLU B 151 9.90 5.93 -30.18
C GLU B 151 10.06 6.88 -29.00
N SER B 152 10.83 6.45 -28.02
CA SER B 152 11.14 7.25 -26.85
C SER B 152 12.64 7.18 -26.57
N LYS B 153 13.12 8.16 -25.82
CA LYS B 153 14.54 8.20 -25.49
C LYS B 153 14.97 7.01 -24.63
N SER B 154 14.02 6.44 -23.87
CA SER B 154 14.37 5.33 -22.99
C SER B 154 14.41 4.00 -23.73
N SER B 155 13.65 3.85 -24.81
CA SER B 155 13.53 2.59 -25.51
C SER B 155 14.52 2.53 -26.68
N THR B 156 15.19 1.39 -26.81
CA THR B 156 16.10 1.14 -27.92
C THR B 156 15.40 0.50 -29.12
N HIS B 157 14.07 0.50 -29.14
CA HIS B 157 13.32 -0.02 -30.27
C HIS B 157 12.95 1.12 -31.21
N LEU B 158 12.98 0.83 -32.51
CA LEU B 158 12.39 1.73 -33.48
C LEU B 158 10.87 1.67 -33.39
N GLU B 159 10.21 2.59 -34.09
CA GLU B 159 8.75 2.67 -34.01
C GLU B 159 8.07 1.40 -34.50
N GLU B 160 8.74 0.63 -35.35
CA GLU B 160 8.27 -0.69 -35.75
C GLU B 160 9.43 -1.68 -35.60
N PHE B 161 9.14 -2.83 -35.01
CA PHE B 161 10.16 -3.85 -34.81
C PHE B 161 9.51 -5.22 -34.85
N THR B 162 10.29 -6.22 -35.25
CA THR B 162 9.80 -7.59 -35.31
C THR B 162 9.90 -8.21 -33.93
N MET B 163 8.78 -8.75 -33.46
CA MET B 163 8.73 -9.38 -32.15
C MET B 163 8.32 -10.83 -32.29
N LEU B 164 9.05 -11.72 -31.63
CA LEU B 164 8.61 -13.08 -31.39
C LEU B 164 8.00 -13.15 -30.01
N ASN B 165 6.76 -13.63 -29.93
CA ASN B 165 6.11 -13.89 -28.65
C ASN B 165 5.71 -15.35 -28.62
N LEU B 166 6.06 -16.03 -27.53
CA LEU B 166 5.62 -17.39 -27.28
C LEU B 166 4.84 -17.43 -25.96
N ALA B 167 3.89 -18.33 -25.88
CA ALA B 167 3.05 -18.43 -24.70
C ALA B 167 2.53 -19.85 -24.57
N GLU B 168 2.42 -20.31 -23.32
CA GLU B 168 1.81 -21.59 -23.00
C GLU B 168 0.70 -21.34 -21.98
N MET B 169 -0.46 -21.94 -22.20
CA MET B 169 -1.57 -21.85 -21.28
C MET B 169 -1.90 -23.23 -20.74
N GLY B 170 -2.11 -23.31 -19.43
CA GLY B 170 -2.34 -24.56 -18.73
C GLY B 170 -1.23 -25.57 -18.91
N PRO B 171 -0.01 -25.20 -18.50
CA PRO B 171 1.12 -26.13 -18.65
C PRO B 171 0.97 -27.33 -17.72
N ASP B 172 1.56 -28.45 -18.14
CA ASP B 172 1.60 -29.66 -17.32
C ASP B 172 2.80 -29.60 -16.37
N GLY B 173 2.81 -28.54 -15.56
CA GLY B 173 3.93 -28.29 -14.67
C GLY B 173 3.99 -26.81 -14.32
N ASP B 174 5.11 -26.43 -13.71
CA ASP B 174 5.29 -25.04 -13.30
C ASP B 174 5.42 -24.15 -14.52
N PRO B 175 4.61 -23.09 -14.64
CA PRO B 175 4.71 -22.23 -15.85
C PRO B 175 6.06 -21.58 -16.00
N MET B 176 6.60 -20.97 -14.95
CA MET B 176 7.88 -20.30 -15.05
C MET B 176 8.99 -21.26 -15.43
N GLU B 177 8.91 -22.50 -14.94
CA GLU B 177 9.93 -23.49 -15.27
C GLU B 177 9.89 -23.85 -16.76
N HIS B 178 8.69 -24.01 -17.32
CA HIS B 178 8.57 -24.23 -18.76
C HIS B 178 9.04 -23.00 -19.53
N LEU B 179 8.66 -21.81 -19.08
CA LEU B 179 9.09 -20.58 -19.74
C LEU B 179 10.62 -20.49 -19.78
N LYS B 180 11.28 -20.81 -18.67
CA LYS B 180 12.74 -20.83 -18.66
C LYS B 180 13.29 -21.76 -19.72
N MET B 181 12.69 -22.94 -19.86
CA MET B 181 13.12 -23.89 -20.88
C MET B 181 12.94 -23.31 -22.28
N TYR B 182 11.80 -22.66 -22.53
CA TYR B 182 11.53 -22.09 -23.85
C TYR B 182 12.50 -20.96 -24.17
N ILE B 183 12.81 -20.12 -23.18
CA ILE B 183 13.76 -19.03 -23.39
C ILE B 183 15.14 -19.58 -23.71
N GLY B 184 15.50 -20.73 -23.13
CA GLY B 184 16.77 -21.35 -23.48
C GLY B 184 16.85 -21.75 -24.94
N ASP B 185 15.73 -22.23 -25.50
CA ASP B 185 15.70 -22.59 -26.91
C ASP B 185 15.89 -21.36 -27.80
N ILE B 186 15.30 -20.23 -27.41
CA ILE B 186 15.47 -19.00 -28.19
C ILE B 186 16.90 -18.51 -28.10
N MET B 187 17.48 -18.54 -26.91
CA MET B 187 18.87 -18.12 -26.74
C MET B 187 19.83 -19.09 -27.41
N ASP B 188 19.45 -20.37 -27.50
CA ASP B 188 20.26 -21.34 -28.25
C ASP B 188 20.22 -21.02 -29.74
N ALA B 189 19.03 -20.74 -30.28
CA ALA B 189 18.92 -20.41 -31.70
C ALA B 189 19.66 -19.13 -32.03
N VAL B 190 19.64 -18.16 -31.11
CA VAL B 190 20.43 -16.95 -31.31
C VAL B 190 21.92 -17.25 -31.12
N GLY B 191 22.25 -18.11 -30.17
CA GLY B 191 23.63 -18.46 -29.91
C GLY B 191 24.34 -17.47 -29.02
N VAL B 192 23.75 -17.15 -27.86
CA VAL B 192 24.32 -16.19 -26.93
C VAL B 192 24.14 -16.71 -25.51
N GLU B 193 25.05 -16.29 -24.63
CA GLU B 193 24.90 -16.52 -23.21
C GLU B 193 23.94 -15.51 -22.62
N TYR B 194 23.16 -15.95 -21.64
CA TYR B 194 22.11 -15.11 -21.08
C TYR B 194 21.93 -15.43 -19.60
N THR B 195 21.29 -14.50 -18.89
CA THR B 195 20.93 -14.68 -17.49
C THR B 195 19.46 -14.33 -17.32
N THR B 196 18.83 -14.96 -16.33
CA THR B 196 17.45 -14.68 -15.98
C THR B 196 17.34 -14.44 -14.48
N SER B 197 16.39 -13.59 -14.10
CA SER B 197 16.17 -13.26 -12.70
C SER B 197 14.67 -13.26 -12.43
N ARG B 198 14.21 -14.17 -11.57
CA ARG B 198 12.82 -14.18 -11.16
C ARG B 198 12.54 -12.97 -10.27
N GLU B 199 11.54 -12.18 -10.64
CA GLU B 199 11.20 -10.96 -9.92
C GLU B 199 9.75 -11.04 -9.44
N GLU B 200 9.52 -10.60 -8.22
CA GLU B 200 8.17 -10.47 -7.70
C GLU B 200 7.46 -9.30 -8.38
N SER B 201 6.14 -9.39 -8.47
CA SER B 201 5.36 -8.37 -9.16
C SER B 201 4.02 -8.18 -8.47
N ASP B 202 3.56 -6.93 -8.44
CA ASP B 202 2.21 -6.64 -7.96
C ASP B 202 1.16 -6.86 -9.04
N VAL B 203 1.57 -6.97 -10.30
CA VAL B 203 0.66 -7.15 -11.42
C VAL B 203 0.52 -8.61 -11.80
N TRP B 204 1.64 -9.29 -12.02
CA TRP B 204 1.65 -10.67 -12.47
C TRP B 204 1.97 -11.61 -11.32
N VAL B 205 1.73 -12.90 -11.57
CA VAL B 205 2.14 -13.93 -10.63
C VAL B 205 3.65 -13.87 -10.41
N GLU B 206 4.40 -13.66 -11.48
CA GLU B 206 5.86 -13.60 -11.44
C GLU B 206 6.35 -13.09 -12.78
N THR B 207 7.46 -12.36 -12.75
CA THR B 207 8.12 -11.92 -13.96
C THR B 207 9.51 -12.53 -14.05
N LEU B 208 10.07 -12.51 -15.26
CA LEU B 208 11.37 -13.09 -15.54
C LEU B 208 12.11 -12.14 -16.47
N ASP B 209 13.06 -11.39 -15.92
CA ASP B 209 13.88 -10.50 -16.73
C ASP B 209 15.00 -11.31 -17.37
N VAL B 210 15.19 -11.11 -18.67
CA VAL B 210 16.22 -11.79 -19.45
C VAL B 210 17.27 -10.77 -19.85
N GLU B 211 18.54 -11.09 -19.62
CA GLU B 211 19.64 -10.17 -19.89
C GLU B 211 20.70 -10.85 -20.75
N ILE B 212 21.31 -10.08 -21.64
CA ILE B 212 22.43 -10.52 -22.46
C ILE B 212 23.53 -9.48 -22.32
N ASN B 213 24.69 -9.91 -21.82
CA ASN B 213 25.82 -9.02 -21.55
C ASN B 213 25.41 -7.88 -20.61
N GLY B 214 24.53 -8.19 -19.65
CA GLY B 214 24.08 -7.22 -18.68
C GLY B 214 22.97 -6.30 -19.15
N THR B 215 22.53 -6.40 -20.40
CA THR B 215 21.47 -5.57 -20.93
C THR B 215 20.17 -6.37 -21.00
N GLU B 216 19.10 -5.80 -20.45
CA GLU B 216 17.82 -6.49 -20.41
C GLU B 216 17.26 -6.60 -21.82
N VAL B 217 16.97 -7.83 -22.24
CA VAL B 217 16.45 -8.10 -23.57
C VAL B 217 14.93 -8.19 -23.57
N ALA B 218 14.36 -8.88 -22.58
CA ALA B 218 12.93 -9.09 -22.50
C ALA B 218 12.56 -9.38 -21.05
N SER B 219 11.26 -9.38 -20.78
CA SER B 219 10.74 -9.71 -19.46
C SER B 219 9.50 -10.57 -19.63
N GLY B 220 9.58 -11.81 -19.18
CA GLY B 220 8.44 -12.70 -19.23
C GLY B 220 7.49 -12.49 -18.08
N SER B 221 6.32 -13.12 -18.19
CA SER B 221 5.28 -12.98 -17.17
C SER B 221 4.53 -14.30 -17.05
N VAL B 222 4.05 -14.58 -15.84
CA VAL B 222 3.43 -15.85 -15.51
C VAL B 222 2.00 -15.61 -15.04
N GLY B 223 1.11 -16.54 -15.40
CA GLY B 223 -0.22 -16.61 -14.85
C GLY B 223 -1.09 -15.42 -15.24
N PRO B 224 -2.37 -15.49 -14.91
CA PRO B 224 -3.24 -14.33 -15.11
C PRO B 224 -2.83 -13.20 -14.17
N HIS B 225 -2.97 -11.97 -14.66
CA HIS B 225 -2.57 -10.81 -13.87
C HIS B 225 -3.62 -10.49 -12.81
N LYS B 226 -3.16 -9.85 -11.73
CA LYS B 226 -3.98 -9.65 -10.55
C LYS B 226 -4.87 -8.42 -10.62
N LEU B 227 -4.72 -7.58 -11.63
CA LEU B 227 -5.47 -6.32 -11.67
C LEU B 227 -6.96 -6.57 -11.89
N ASP B 228 -7.31 -7.11 -13.06
CA ASP B 228 -8.70 -7.42 -13.38
C ASP B 228 -8.80 -8.84 -13.93
N PRO B 229 -9.88 -9.56 -13.63
CA PRO B 229 -10.04 -10.90 -14.22
C PRO B 229 -10.09 -10.88 -15.74
N ALA B 230 -10.78 -9.89 -16.32
CA ALA B 230 -10.83 -9.69 -17.77
C ALA B 230 -11.42 -10.90 -18.50
N HIS B 231 -11.31 -10.91 -19.83
CA HIS B 231 -11.75 -12.07 -20.61
C HIS B 231 -10.83 -13.26 -20.39
N ASP B 232 -9.63 -13.05 -19.88
CA ASP B 232 -8.63 -14.10 -19.79
C ASP B 232 -9.04 -15.17 -18.80
N VAL B 233 -8.35 -16.29 -18.86
CA VAL B 233 -8.62 -17.45 -18.01
C VAL B 233 -7.85 -17.31 -16.71
N HIS B 234 -8.39 -17.88 -15.64
CA HIS B 234 -7.69 -17.96 -14.37
C HIS B 234 -6.77 -19.17 -14.27
N GLU B 235 -6.72 -20.01 -15.31
CA GLU B 235 -5.71 -21.06 -15.33
C GLU B 235 -4.36 -20.47 -15.73
N PRO B 236 -3.26 -21.05 -15.24
CA PRO B 236 -1.96 -20.40 -15.42
C PRO B 236 -1.53 -20.33 -16.88
N TRP B 237 -0.85 -19.25 -17.23
CA TRP B 237 -0.25 -19.10 -18.54
C TRP B 237 1.00 -18.24 -18.42
N ALA B 238 2.01 -18.58 -19.20
CA ALA B 238 3.27 -17.83 -19.21
C ALA B 238 3.59 -17.42 -20.64
N GLY B 239 4.23 -16.26 -20.76
CA GLY B 239 4.61 -15.75 -22.07
C GLY B 239 5.79 -14.82 -21.99
N ILE B 240 6.42 -14.62 -23.13
CA ILE B 240 7.53 -13.67 -23.24
C ILE B 240 7.68 -13.28 -24.71
N GLY B 241 7.97 -12.00 -24.92
CA GLY B 241 8.19 -11.46 -26.26
C GLY B 241 9.62 -10.95 -26.39
N PHE B 242 10.24 -11.30 -27.51
CA PHE B 242 11.61 -10.88 -27.80
C PHE B 242 11.62 -10.03 -29.06
N GLY B 243 12.25 -8.87 -28.99
CA GLY B 243 12.57 -8.12 -30.20
C GLY B 243 13.65 -8.84 -30.97
N LEU B 244 13.31 -9.33 -32.17
CA LEU B 244 14.25 -10.19 -32.88
C LEU B 244 15.43 -9.41 -33.44
N GLU B 245 15.17 -8.21 -33.97
CA GLU B 245 16.29 -7.36 -34.40
C GLU B 245 17.22 -7.02 -33.25
N ARG B 246 16.66 -6.87 -32.04
CA ARG B 246 17.50 -6.64 -30.87
C ARG B 246 18.35 -7.86 -30.57
N LEU B 247 17.80 -9.06 -30.74
CA LEU B 247 18.57 -10.28 -30.50
C LEU B 247 19.69 -10.43 -31.51
N LEU B 248 19.44 -10.06 -32.78
CA LEU B 248 20.50 -10.08 -33.79
C LEU B 248 21.58 -9.05 -33.47
N MET B 249 21.19 -7.88 -32.97
CA MET B 249 22.16 -6.85 -32.61
C MET B 249 23.08 -7.32 -31.50
N LEU B 250 22.51 -7.96 -30.48
CA LEU B 250 23.28 -8.42 -29.33
C LEU B 250 23.98 -9.75 -29.57
N LYS B 251 23.74 -10.41 -30.71
CA LYS B 251 24.33 -11.72 -30.95
C LYS B 251 25.85 -11.64 -30.99
N ASN B 252 26.39 -10.66 -31.69
CA ASN B 252 27.83 -10.50 -31.80
C ASN B 252 28.49 -10.09 -30.49
N GLY B 253 27.70 -9.80 -29.45
CA GLY B 253 28.21 -9.39 -28.16
C GLY B 253 28.30 -7.90 -27.96
N LYS B 254 28.52 -7.13 -29.03
CA LYS B 254 28.60 -5.69 -28.96
C LYS B 254 27.21 -5.07 -29.07
N SER B 255 27.00 -3.97 -28.36
CA SER B 255 25.71 -3.30 -28.33
C SER B 255 25.94 -1.80 -28.37
N ASN B 256 25.46 -1.14 -29.43
CA ASN B 256 25.48 0.31 -29.52
C ASN B 256 24.13 0.87 -29.11
N ALA B 257 24.05 2.20 -29.07
CA ALA B 257 22.80 2.89 -28.77
C ALA B 257 21.93 3.08 -30.02
N ARG B 258 22.16 2.29 -31.06
CA ARG B 258 21.39 2.41 -32.29
C ARG B 258 20.08 1.65 -32.15
N LYS B 259 18.97 2.36 -32.39
CA LYS B 259 17.65 1.75 -32.22
C LYS B 259 17.43 0.67 -33.26
N THR B 260 16.75 -0.40 -32.83
CA THR B 260 16.64 -1.62 -33.63
C THR B 260 15.18 -1.85 -34.03
N GLY B 261 15.00 -2.47 -35.17
CA GLY B 261 13.67 -2.77 -35.67
C GLY B 261 13.64 -2.76 -37.19
N LYS B 262 12.45 -2.48 -37.74
CA LYS B 262 12.28 -2.39 -39.18
C LYS B 262 12.86 -1.08 -39.69
N SER B 263 13.71 -1.17 -40.71
CA SER B 263 14.37 0.01 -41.23
C SER B 263 14.60 -0.13 -42.73
N ILE B 264 14.41 0.96 -43.46
CA ILE B 264 14.76 1.01 -44.88
C ILE B 264 16.23 1.27 -45.08
N THR B 265 16.96 1.58 -44.01
CA THR B 265 18.36 2.00 -44.10
C THR B 265 19.34 0.83 -44.03
N TYR B 266 18.94 -0.30 -43.44
CA TYR B 266 19.87 -1.40 -43.21
C TYR B 266 19.41 -2.67 -43.92
N LEU B 267 20.39 -3.51 -44.23
CA LEU B 267 20.16 -4.82 -44.85
C LEU B 267 21.23 -5.76 -44.33
N ASN B 268 20.81 -6.78 -43.58
CA ASN B 268 21.74 -7.67 -42.88
C ASN B 268 22.73 -6.87 -42.04
N GLY B 269 22.25 -5.79 -41.43
CA GLY B 269 23.09 -4.94 -40.62
C GLY B 269 24.02 -4.02 -41.37
N TYR B 270 23.91 -3.96 -42.69
CA TYR B 270 24.76 -3.10 -43.50
C TYR B 270 23.95 -1.88 -43.96
N LYS B 271 24.53 -0.70 -43.78
CA LYS B 271 23.87 0.54 -44.17
C LYS B 271 23.87 0.68 -45.68
N LEU B 272 22.69 0.94 -46.26
CA LEU B 272 22.53 0.97 -47.70
C LEU B 272 22.87 2.32 -48.31
N ASP B 273 22.51 3.42 -47.64
CA ASP B 273 22.74 4.75 -48.19
C ASP B 273 24.05 5.35 -47.69
N MET C 1 28.87 -10.67 23.41
CA MET C 1 28.24 -11.89 23.88
C MET C 1 26.73 -11.87 23.63
N VAL C 2 26.36 -11.86 22.34
CA VAL C 2 24.98 -11.96 21.87
C VAL C 2 24.19 -10.69 22.18
N VAL C 3 23.51 -10.15 21.17
CA VAL C 3 22.61 -9.02 21.35
C VAL C 3 21.24 -9.40 20.78
N LYS C 4 20.22 -8.66 21.21
CA LYS C 4 18.84 -8.90 20.81
C LYS C 4 18.23 -7.60 20.30
N PHE C 5 17.07 -7.73 19.66
CA PHE C 5 16.38 -6.57 19.12
C PHE C 5 16.08 -5.56 20.21
N THR C 6 16.22 -4.28 19.88
CA THR C 6 15.87 -3.23 20.81
C THR C 6 14.36 -3.12 20.95
N ASP C 7 13.93 -2.47 22.03
CA ASP C 7 12.48 -2.29 22.26
C ASP C 7 11.84 -1.54 21.10
N SER C 8 12.55 -0.56 20.54
CA SER C 8 12.02 0.19 19.41
C SER C 8 11.86 -0.70 18.19
N GLN C 9 12.83 -1.59 17.95
CA GLN C 9 12.77 -2.46 16.78
C GLN C 9 11.65 -3.48 16.90
N ILE C 10 11.43 -4.01 18.10
CA ILE C 10 10.35 -4.97 18.30
C ILE C 10 9.00 -4.30 18.06
N GLN C 11 8.86 -3.03 18.50
CA GLN C 11 7.60 -2.32 18.30
C GLN C 11 7.35 -2.07 16.81
N HIS C 12 8.40 -1.81 16.04
CA HIS C 12 8.24 -1.65 14.60
C HIS C 12 7.81 -2.96 13.94
N LEU C 13 8.38 -4.08 14.38
CA LEU C 13 8.04 -5.37 13.78
C LEU C 13 6.64 -5.82 14.17
N MET C 14 6.19 -5.50 15.38
CA MET C 14 4.88 -5.95 15.84
C MET C 14 3.74 -5.23 15.15
N GLU C 15 3.96 -4.03 14.61
CA GLU C 15 2.91 -3.34 13.89
C GLU C 15 2.53 -4.07 12.61
N TYR C 16 3.47 -4.80 12.02
CA TYR C 16 3.25 -5.49 10.76
C TYR C 16 3.21 -7.01 10.90
N GLY C 17 3.44 -7.55 12.10
CA GLY C 17 3.56 -8.99 12.24
C GLY C 17 3.06 -9.49 13.57
N ASP C 18 2.94 -10.81 13.65
CA ASP C 18 2.52 -11.51 14.86
C ASP C 18 3.62 -12.41 15.42
N ASN C 19 4.77 -12.48 14.76
CA ASN C 19 5.83 -13.39 15.16
C ASN C 19 6.43 -12.96 16.50
N ASP C 20 7.21 -13.86 17.08
CA ASP C 20 7.88 -13.63 18.37
C ASP C 20 9.31 -13.20 18.08
N TRP C 21 9.54 -11.89 18.12
CA TRP C 21 10.86 -11.32 17.86
C TRP C 21 11.73 -11.25 19.11
N SER C 22 11.20 -11.64 20.26
CA SER C 22 11.98 -11.57 21.49
C SER C 22 13.06 -12.66 21.56
N GLU C 23 12.90 -13.74 20.79
CA GLU C 23 13.86 -14.83 20.81
C GLU C 23 15.03 -14.62 19.86
N ALA C 24 14.99 -13.57 19.04
CA ALA C 24 16.05 -13.33 18.07
C ALA C 24 17.34 -12.96 18.78
N GLU C 25 18.43 -13.63 18.41
CA GLU C 25 19.76 -13.35 18.95
C GLU C 25 20.73 -13.14 17.79
N PHE C 26 21.70 -12.25 18.01
CA PHE C 26 22.61 -11.86 16.95
C PHE C 26 24.03 -11.77 17.49
N GLU C 27 24.98 -11.82 16.57
CA GLU C 27 26.40 -11.76 16.96
C GLU C 27 26.75 -10.40 17.55
N ASP C 28 26.34 -9.32 16.89
CA ASP C 28 26.63 -7.98 17.37
C ASP C 28 25.53 -7.04 16.89
N ALA C 29 25.69 -5.74 17.22
CA ALA C 29 24.67 -4.76 16.87
C ALA C 29 24.56 -4.58 15.36
N ALA C 30 25.66 -4.79 14.62
CA ALA C 30 25.61 -4.62 13.17
C ALA C 30 24.74 -5.68 12.52
N ALA C 31 24.87 -6.94 12.96
CA ALA C 31 24.02 -7.99 12.42
C ALA C 31 22.57 -7.83 12.87
N ARG C 32 22.35 -7.25 14.05
CA ARG C 32 21.00 -7.03 14.54
C ARG C 32 20.29 -5.96 13.70
N ASP C 33 20.97 -4.84 13.44
CA ASP C 33 20.35 -3.78 12.64
C ASP C 33 20.21 -4.21 11.19
N LYS C 34 21.10 -5.07 10.70
CA LYS C 34 20.94 -5.60 9.35
C LYS C 34 19.70 -6.46 9.23
N GLU C 35 19.48 -7.34 10.21
CA GLU C 35 18.33 -8.24 10.16
C GLU C 35 17.02 -7.47 10.36
N PHE C 36 17.04 -6.44 11.21
CA PHE C 36 15.83 -5.65 11.42
C PHE C 36 15.40 -4.97 10.12
N SER C 37 16.35 -4.37 9.41
CA SER C 37 16.02 -3.74 8.13
C SER C 37 15.49 -4.76 7.13
N SER C 38 16.05 -5.97 7.13
CA SER C 38 15.58 -7.01 6.22
C SER C 38 14.21 -7.53 6.64
N GLN C 39 14.02 -7.79 7.93
CA GLN C 39 12.74 -8.30 8.40
C GLN C 39 11.64 -7.24 8.27
N PHE C 40 11.95 -6.00 8.63
CA PHE C 40 10.95 -4.93 8.54
C PHE C 40 10.52 -4.69 7.10
N SER C 41 11.46 -4.79 6.16
CA SER C 41 11.10 -4.65 4.75
C SER C 41 10.23 -5.80 4.28
N LYS C 42 10.57 -7.03 4.67
CA LYS C 42 9.75 -8.19 4.29
C LYS C 42 8.33 -8.05 4.84
N LEU C 43 8.20 -7.64 6.11
CA LEU C 43 6.87 -7.52 6.71
C LEU C 43 6.05 -6.44 6.05
N LYS C 44 6.67 -5.29 5.74
CA LYS C 44 5.93 -4.20 5.11
C LYS C 44 5.48 -4.58 3.71
N SER C 45 6.35 -5.26 2.95
CA SER C 45 5.99 -5.68 1.60
C SER C 45 4.90 -6.74 1.63
N ALA C 46 4.99 -7.71 2.55
CA ALA C 46 3.94 -8.69 2.70
C ALA C 46 2.64 -8.03 3.15
N ASN C 47 2.74 -7.03 4.03
CA ASN C 47 1.56 -6.32 4.50
C ASN C 47 0.85 -5.61 3.35
N ASP C 48 1.60 -4.97 2.45
CA ASP C 48 1.01 -4.25 1.35
C ASP C 48 0.49 -5.19 0.25
N LYS C 49 1.12 -6.34 0.07
CA LYS C 49 0.60 -7.31 -0.89
C LYS C 49 -0.70 -7.94 -0.38
N GLY C 50 -0.75 -8.26 0.92
CA GLY C 50 -1.97 -8.82 1.47
C GLY C 50 -3.14 -7.86 1.36
N LEU C 51 -2.90 -6.59 1.68
CA LEU C 51 -3.95 -5.58 1.60
C LEU C 51 -4.44 -5.41 0.17
N LYS C 52 -3.52 -5.38 -0.79
CA LYS C 52 -3.90 -5.31 -2.20
C LYS C 52 -4.80 -6.49 -2.58
N ASP C 53 -4.49 -7.68 -2.09
CA ASP C 53 -5.32 -8.84 -2.42
C ASP C 53 -6.69 -8.74 -1.76
N VAL C 54 -6.77 -8.10 -0.59
CA VAL C 54 -8.07 -7.90 0.04
C VAL C 54 -8.95 -6.99 -0.81
N ILE C 55 -8.34 -5.97 -1.42
CA ILE C 55 -9.09 -5.14 -2.36
C ILE C 55 -9.50 -5.96 -3.58
N ALA C 56 -8.59 -6.78 -4.10
CA ALA C 56 -8.91 -7.64 -5.24
C ALA C 56 -9.94 -8.70 -4.84
N ASN C 57 -9.79 -9.29 -3.66
CA ASN C 57 -10.63 -10.39 -3.20
C ASN C 57 -11.16 -10.07 -1.81
N PRO C 58 -12.24 -9.29 -1.72
CA PRO C 58 -12.74 -8.86 -0.42
C PRO C 58 -13.07 -10.04 0.48
N ARG C 59 -12.72 -9.89 1.76
CA ARG C 59 -13.00 -10.88 2.79
C ARG C 59 -12.89 -10.19 4.13
N ASN C 60 -13.44 -10.82 5.16
CA ASN C 60 -13.34 -10.32 6.52
C ASN C 60 -13.24 -11.53 7.43
N ASP C 61 -12.05 -11.77 7.97
CA ASP C 61 -11.80 -12.99 8.74
C ASP C 61 -12.66 -13.06 10.00
N LEU C 62 -12.94 -11.90 10.62
CA LEU C 62 -13.80 -11.91 11.80
C LEU C 62 -15.21 -12.36 11.46
N THR C 63 -15.78 -11.81 10.37
CA THR C 63 -17.10 -12.22 9.92
C THR C 63 -17.13 -13.72 9.62
N ASP C 64 -16.07 -14.24 8.98
CA ASP C 64 -16.04 -15.65 8.62
C ASP C 64 -15.98 -16.54 9.85
N LEU C 65 -15.20 -16.14 10.87
CA LEU C 65 -15.16 -16.90 12.11
C LEU C 65 -16.51 -16.86 12.82
N GLU C 66 -17.17 -15.69 12.81
CA GLU C 66 -18.49 -15.58 13.42
C GLU C 66 -19.48 -16.54 12.76
N ASN C 67 -19.42 -16.66 11.43
CA ASN C 67 -20.37 -17.52 10.74
C ASN C 67 -20.04 -18.99 10.90
N LYS C 68 -18.76 -19.33 11.09
CA LYS C 68 -18.42 -20.71 11.44
C LYS C 68 -18.93 -21.06 12.83
N ILE C 69 -18.83 -20.13 13.78
CA ILE C 69 -19.35 -20.37 15.12
C ILE C 69 -20.86 -20.55 15.08
N ARG C 70 -21.55 -19.71 14.30
CA ARG C 70 -23.00 -19.84 14.15
C ARG C 70 -23.38 -21.21 13.61
N GLU C 71 -22.66 -21.67 12.59
CA GLU C 71 -22.97 -22.97 11.99
C GLU C 71 -22.86 -24.09 13.01
N LYS C 72 -21.89 -23.99 13.93
CA LYS C 72 -21.69 -25.05 14.90
C LYS C 72 -22.67 -24.97 16.06
N LEU C 73 -22.95 -23.75 16.55
CA LEU C 73 -23.90 -23.61 17.65
C LEU C 73 -25.33 -23.82 17.19
N ALA C 74 -25.65 -23.48 15.95
CA ALA C 74 -27.00 -23.74 15.43
C ALA C 74 -27.29 -25.24 15.38
N ALA C 75 -26.28 -26.06 15.11
CA ALA C 75 -26.46 -27.50 15.11
C ALA C 75 -26.72 -28.04 16.51
N ARG C 76 -26.34 -27.30 17.54
CA ARG C 76 -26.59 -27.68 18.93
C ARG C 76 -27.90 -27.12 19.47
N GLY C 77 -28.67 -26.41 18.66
CA GLY C 77 -29.92 -25.84 19.10
C GLY C 77 -29.83 -24.48 19.76
N PHE C 78 -28.71 -23.78 19.60
CA PHE C 78 -28.55 -22.46 20.18
C PHE C 78 -29.33 -21.42 19.39
N ILE C 79 -29.88 -20.44 20.10
CA ILE C 79 -30.52 -19.28 19.49
C ILE C 79 -29.56 -18.11 19.59
N GLU C 80 -29.36 -17.39 18.48
CA GLU C 80 -28.55 -16.18 18.53
C GLU C 80 -29.45 -15.01 18.96
N VAL C 81 -28.97 -14.22 19.91
CA VAL C 81 -29.71 -13.07 20.42
C VAL C 81 -28.88 -11.81 20.19
N HIS C 82 -29.58 -10.68 20.10
CA HIS C 82 -28.97 -9.36 20.04
C HIS C 82 -29.50 -8.55 21.21
N THR C 83 -28.64 -8.21 22.16
CA THR C 83 -29.02 -7.50 23.36
C THR C 83 -28.34 -6.14 23.43
N PRO C 84 -28.88 -5.20 24.20
CA PRO C 84 -28.30 -3.86 24.25
C PRO C 84 -26.92 -3.85 24.89
N ILE C 85 -26.10 -2.89 24.45
CA ILE C 85 -24.79 -2.69 25.05
C ILE C 85 -24.92 -2.00 26.41
N PHE C 86 -25.95 -1.16 26.58
CA PHE C 86 -26.20 -0.51 27.86
C PHE C 86 -26.67 -1.53 28.89
N VAL C 87 -25.96 -1.60 30.01
CA VAL C 87 -26.34 -2.45 31.14
C VAL C 87 -26.39 -1.60 32.40
N SER C 88 -27.29 -1.96 33.31
CA SER C 88 -27.49 -1.17 34.52
C SER C 88 -26.44 -1.52 35.56
N LYS C 89 -26.16 -0.55 36.44
CA LYS C 89 -25.22 -0.78 37.53
C LYS C 89 -25.66 -1.94 38.40
N SER C 90 -26.98 -2.12 38.57
CA SER C 90 -27.49 -3.27 39.31
C SER C 90 -27.18 -4.57 38.56
N ALA C 91 -27.30 -4.56 37.24
CA ALA C 91 -27.08 -5.78 36.47
C ALA C 91 -25.64 -6.28 36.62
N LEU C 92 -24.67 -5.36 36.70
CA LEU C 92 -23.31 -5.76 37.01
C LEU C 92 -23.22 -6.45 38.36
N ALA C 93 -23.95 -5.94 39.35
CA ALA C 93 -23.87 -6.48 40.70
C ALA C 93 -24.34 -7.92 40.75
N LYS C 94 -25.53 -8.20 40.21
CA LYS C 94 -26.04 -9.56 40.20
C LYS C 94 -25.20 -10.50 39.36
N MET C 95 -24.26 -9.99 38.57
CA MET C 95 -23.32 -10.80 37.82
C MET C 95 -21.92 -10.74 38.44
N THR C 96 -21.86 -10.56 39.76
CA THR C 96 -20.64 -10.59 40.57
C THR C 96 -19.78 -9.34 40.34
N ILE C 97 -20.12 -8.52 39.35
CA ILE C 97 -19.31 -7.34 39.07
C ILE C 97 -19.65 -6.23 40.05
N THR C 98 -19.03 -6.28 41.23
CA THR C 98 -19.19 -5.27 42.27
C THR C 98 -17.89 -4.47 42.40
N GLU C 99 -17.87 -3.55 43.36
CA GLU C 99 -16.66 -2.76 43.61
C GLU C 99 -15.48 -3.64 43.97
N ASP C 100 -15.74 -4.81 44.57
CA ASP C 100 -14.67 -5.72 44.93
C ASP C 100 -14.11 -6.46 43.72
N HIS C 101 -14.88 -6.58 42.63
CA HIS C 101 -14.44 -7.28 41.45
C HIS C 101 -13.43 -6.44 40.67
N PRO C 102 -12.34 -7.05 40.19
CA PRO C 102 -11.34 -6.27 39.45
C PRO C 102 -11.83 -5.73 38.12
N LEU C 103 -12.96 -6.25 37.60
CA LEU C 103 -13.50 -5.76 36.35
C LEU C 103 -14.26 -4.44 36.50
N PHE C 104 -14.60 -4.04 37.73
CA PHE C 104 -15.44 -2.87 37.92
C PHE C 104 -14.72 -1.60 37.47
N LYS C 105 -13.41 -1.51 37.70
CA LYS C 105 -12.68 -0.29 37.34
C LYS C 105 -12.50 -0.15 35.83
N GLN C 106 -12.61 -1.24 35.08
CA GLN C 106 -12.50 -1.18 33.63
C GLN C 106 -13.80 -0.81 32.94
N VAL C 107 -14.89 -0.64 33.70
CA VAL C 107 -16.20 -0.43 33.12
C VAL C 107 -16.35 1.02 32.68
N PHE C 108 -16.75 1.22 31.42
CA PHE C 108 -17.11 2.55 30.95
C PHE C 108 -18.50 2.91 31.44
N TRP C 109 -18.67 4.15 31.89
CA TRP C 109 -19.93 4.64 32.42
C TRP C 109 -20.44 5.77 31.54
N ILE C 110 -21.63 5.60 30.97
CA ILE C 110 -22.25 6.66 30.19
C ILE C 110 -22.89 7.70 31.10
N ASP C 111 -23.64 7.26 32.10
CA ASP C 111 -24.26 8.15 33.07
C ASP C 111 -24.21 7.45 34.43
N ASP C 112 -25.07 7.89 35.35
CA ASP C 112 -25.07 7.33 36.69
C ASP C 112 -25.58 5.90 36.71
N LYS C 113 -26.50 5.56 35.81
CA LYS C 113 -27.16 4.26 35.83
C LYS C 113 -26.76 3.33 34.69
N ARG C 114 -26.47 3.87 33.51
CA ARG C 114 -26.14 3.05 32.36
C ARG C 114 -24.63 2.93 32.19
N ALA C 115 -24.19 1.74 31.78
CA ALA C 115 -22.78 1.46 31.54
C ALA C 115 -22.64 0.69 30.24
N LEU C 116 -21.44 0.75 29.66
CA LEU C 116 -21.11 -0.07 28.51
C LEU C 116 -20.75 -1.47 29.00
N ARG C 117 -21.41 -2.47 28.43
CA ARG C 117 -21.27 -3.84 28.91
C ARG C 117 -19.82 -4.30 28.76
N PRO C 118 -19.19 -4.81 29.81
CA PRO C 118 -17.88 -5.46 29.67
C PRO C 118 -17.98 -6.94 29.30
N MET C 119 -19.20 -7.49 29.27
CA MET C 119 -19.43 -8.88 28.92
C MET C 119 -20.90 -9.03 28.57
N HIS C 120 -21.24 -10.20 28.03
CA HIS C 120 -22.62 -10.49 27.65
C HIS C 120 -23.40 -11.24 28.73
N ALA C 121 -22.77 -11.51 29.88
CA ALA C 121 -23.39 -12.40 30.86
C ALA C 121 -24.67 -11.81 31.44
N MET C 122 -24.69 -10.50 31.72
CA MET C 122 -25.87 -9.88 32.31
C MET C 122 -27.09 -10.09 31.43
N ASN C 123 -26.99 -9.69 30.16
CA ASN C 123 -28.14 -9.78 29.26
C ASN C 123 -28.48 -11.22 28.92
N ALA C 124 -27.47 -12.09 28.80
CA ALA C 124 -27.72 -13.49 28.48
C ALA C 124 -28.61 -14.14 29.53
N LEU C 125 -28.27 -13.95 30.81
CA LEU C 125 -29.07 -14.54 31.88
C LEU C 125 -30.48 -13.95 31.91
N LYS C 126 -30.63 -12.68 31.54
CA LYS C 126 -31.96 -12.09 31.50
C LYS C 126 -32.80 -12.68 30.37
N VAL C 127 -32.19 -12.88 29.19
CA VAL C 127 -32.93 -13.45 28.06
C VAL C 127 -33.28 -14.90 28.34
N MET C 128 -32.38 -15.65 28.97
CA MET C 128 -32.67 -17.04 29.28
C MET C 128 -33.79 -17.17 30.30
N ARG C 129 -33.84 -16.25 31.27
CA ARG C 129 -34.94 -16.27 32.24
C ARG C 129 -36.28 -16.05 31.55
N GLU C 130 -36.33 -15.11 30.59
CA GLU C 130 -37.59 -14.86 29.89
C GLU C 130 -37.94 -16.00 28.95
N LEU C 131 -36.94 -16.65 28.34
CA LEU C 131 -37.21 -17.80 27.49
C LEU C 131 -37.67 -19.01 28.28
N ARG C 132 -37.36 -19.06 29.58
CA ARG C 132 -37.86 -20.14 30.42
C ARG C 132 -39.38 -20.14 30.49
N ASP C 133 -40.00 -18.96 30.39
CA ASP C 133 -41.46 -18.86 30.40
C ASP C 133 -42.12 -19.41 29.14
N HIS C 134 -41.33 -19.79 28.12
CA HIS C 134 -41.89 -20.28 26.88
C HIS C 134 -41.40 -21.67 26.52
N THR C 135 -40.47 -22.24 27.28
CA THR C 135 -40.04 -23.62 27.10
C THR C 135 -39.53 -24.15 28.43
N LYS C 136 -39.66 -25.45 28.62
CA LYS C 136 -39.23 -26.10 29.85
C LYS C 136 -38.03 -27.01 29.65
N GLY C 137 -37.55 -27.16 28.42
CA GLY C 137 -36.32 -27.87 28.16
C GLY C 137 -35.12 -26.95 28.28
N PRO C 138 -33.98 -27.37 27.73
CA PRO C 138 -32.78 -26.54 27.84
C PRO C 138 -32.90 -25.26 27.04
N VAL C 139 -32.37 -24.18 27.62
CA VAL C 139 -32.34 -22.86 26.99
C VAL C 139 -30.90 -22.61 26.56
N LYS C 140 -30.67 -22.57 25.25
CA LYS C 140 -29.33 -22.39 24.68
C LYS C 140 -29.31 -21.14 23.82
N ILE C 141 -28.61 -20.11 24.28
CA ILE C 141 -28.49 -18.87 23.53
C ILE C 141 -27.03 -18.49 23.41
N PHE C 142 -26.74 -17.60 22.46
CA PHE C 142 -25.41 -17.04 22.32
C PHE C 142 -25.51 -15.67 21.66
N GLU C 143 -24.52 -14.82 21.92
CA GLU C 143 -24.47 -13.51 21.32
C GLU C 143 -23.05 -13.19 20.89
N ILE C 144 -22.94 -12.53 19.74
CA ILE C 144 -21.69 -12.00 19.23
C ILE C 144 -21.86 -10.49 19.13
N GLY C 145 -21.00 -9.74 19.81
CA GLY C 145 -21.10 -8.30 19.80
C GLY C 145 -20.00 -7.66 20.61
N SER C 146 -19.93 -6.33 20.50
CA SER C 146 -18.85 -5.58 21.13
C SER C 146 -19.02 -5.52 22.65
N CYS C 147 -17.90 -5.63 23.35
CA CYS C 147 -17.82 -5.39 24.79
C CYS C 147 -16.70 -4.39 25.06
N PHE C 148 -16.78 -3.72 26.20
CA PHE C 148 -15.93 -2.57 26.48
C PHE C 148 -15.27 -2.71 27.85
N ARG C 149 -13.95 -2.53 27.89
CA ARG C 149 -13.18 -2.52 29.14
C ARG C 149 -12.04 -1.53 29.00
N LYS C 150 -11.90 -0.63 29.97
CA LYS C 150 -10.82 0.35 29.93
C LYS C 150 -9.47 -0.35 29.88
N GLU C 151 -8.63 0.04 28.92
CA GLU C 151 -7.37 -0.64 28.70
C GLU C 151 -6.46 -0.51 29.92
N SER C 152 -5.88 -1.64 30.32
CA SER C 152 -4.86 -1.68 31.35
C SER C 152 -3.70 -2.54 30.85
N LYS C 153 -2.55 -2.42 31.54
CA LYS C 153 -1.37 -3.16 31.12
C LYS C 153 -1.51 -4.66 31.37
N SER C 154 -2.38 -5.07 32.29
CA SER C 154 -2.58 -6.49 32.55
C SER C 154 -3.47 -7.14 31.50
N SER C 155 -4.36 -6.38 30.87
CA SER C 155 -5.29 -6.91 29.89
C SER C 155 -4.72 -6.74 28.48
N THR C 156 -4.84 -7.79 27.67
CA THR C 156 -4.44 -7.75 26.28
C THR C 156 -5.55 -7.26 25.35
N HIS C 157 -6.65 -6.77 25.91
CA HIS C 157 -7.77 -6.29 25.12
C HIS C 157 -7.64 -4.80 24.84
N LEU C 158 -7.97 -4.40 23.62
CA LEU C 158 -8.27 -3.00 23.37
C LEU C 158 -9.54 -2.60 24.13
N GLU C 159 -9.82 -1.30 24.14
CA GLU C 159 -10.96 -0.82 24.91
C GLU C 159 -12.28 -1.34 24.37
N GLU C 160 -12.35 -1.70 23.10
CA GLU C 160 -13.52 -2.33 22.51
C GLU C 160 -13.10 -3.58 21.76
N PHE C 161 -13.86 -4.66 21.93
CA PHE C 161 -13.55 -5.92 21.27
C PHE C 161 -14.82 -6.73 21.09
N THR C 162 -14.79 -7.62 20.09
CA THR C 162 -15.93 -8.47 19.78
C THR C 162 -15.88 -9.71 20.65
N MET C 163 -16.93 -9.91 21.44
CA MET C 163 -17.01 -11.04 22.35
C MET C 163 -18.11 -11.99 21.91
N LEU C 164 -17.80 -13.28 21.88
CA LEU C 164 -18.79 -14.34 21.74
C LEU C 164 -19.06 -14.93 23.12
N ASN C 165 -20.33 -14.97 23.50
CA ASN C 165 -20.75 -15.56 24.76
C ASN C 165 -21.86 -16.55 24.48
N LEU C 166 -21.67 -17.80 24.93
CA LEU C 166 -22.72 -18.80 24.88
C LEU C 166 -23.13 -19.17 26.30
N ALA C 167 -24.40 -19.54 26.46
CA ALA C 167 -24.92 -19.88 27.76
C ALA C 167 -26.03 -20.92 27.60
N GLU C 168 -26.09 -21.86 28.54
CA GLU C 168 -27.15 -22.86 28.57
C GLU C 168 -27.71 -22.92 29.98
N MET C 169 -29.03 -22.81 30.09
CA MET C 169 -29.72 -22.85 31.38
C MET C 169 -30.61 -24.09 31.43
N GLY C 170 -30.58 -24.77 32.58
CA GLY C 170 -31.31 -26.00 32.77
C GLY C 170 -30.98 -27.04 31.72
N PRO C 171 -29.72 -27.45 31.63
CA PRO C 171 -29.33 -28.43 30.61
C PRO C 171 -29.84 -29.82 30.94
N ASP C 172 -29.83 -30.68 29.92
CA ASP C 172 -30.18 -32.08 30.10
C ASP C 172 -28.92 -32.90 30.39
N GLY C 173 -28.30 -32.59 31.52
CA GLY C 173 -27.08 -33.24 31.94
C GLY C 173 -26.27 -32.32 32.84
N ASP C 174 -24.98 -32.63 32.95
CA ASP C 174 -24.10 -31.82 33.76
C ASP C 174 -23.79 -30.51 33.05
N PRO C 175 -23.96 -29.36 33.72
CA PRO C 175 -23.63 -28.09 33.05
C PRO C 175 -22.19 -27.99 32.59
N MET C 176 -21.24 -28.47 33.40
CA MET C 176 -19.83 -28.35 33.04
C MET C 176 -19.50 -29.23 31.84
N GLU C 177 -20.08 -30.44 31.76
CA GLU C 177 -19.83 -31.29 30.62
C GLU C 177 -20.35 -30.67 29.32
N HIS C 178 -21.55 -30.09 29.38
CA HIS C 178 -22.09 -29.43 28.20
C HIS C 178 -21.27 -28.20 27.83
N LEU C 179 -20.76 -27.48 28.84
CA LEU C 179 -19.94 -26.31 28.57
C LEU C 179 -18.66 -26.69 27.83
N LYS C 180 -17.96 -27.72 28.33
CA LYS C 180 -16.77 -28.20 27.65
C LYS C 180 -17.09 -28.67 26.23
N MET C 181 -18.31 -29.14 26.00
CA MET C 181 -18.71 -29.59 24.67
C MET C 181 -18.81 -28.42 23.71
N TYR C 182 -19.44 -27.32 24.14
CA TYR C 182 -19.58 -26.16 23.27
C TYR C 182 -18.25 -25.45 23.06
N ILE C 183 -17.36 -25.48 24.06
CA ILE C 183 -16.04 -24.90 23.92
C ILE C 183 -15.27 -25.63 22.83
N GLY C 184 -15.42 -26.96 22.75
CA GLY C 184 -14.77 -27.71 21.70
C GLY C 184 -15.21 -27.29 20.32
N ASP C 185 -16.50 -26.95 20.17
CA ASP C 185 -17.00 -26.49 18.89
C ASP C 185 -16.35 -25.16 18.49
N ILE C 186 -16.26 -24.23 19.44
CA ILE C 186 -15.66 -22.93 19.15
C ILE C 186 -14.21 -23.10 18.71
N MET C 187 -13.44 -23.90 19.46
CA MET C 187 -12.04 -24.10 19.12
C MET C 187 -11.90 -24.85 17.80
N ASP C 188 -12.85 -25.72 17.47
CA ASP C 188 -12.85 -26.35 16.16
C ASP C 188 -13.08 -25.32 15.05
N ALA C 189 -14.02 -24.40 15.27
CA ALA C 189 -14.26 -23.35 14.28
C ALA C 189 -13.05 -22.44 14.14
N VAL C 190 -12.42 -22.06 15.26
CA VAL C 190 -11.19 -21.28 15.19
C VAL C 190 -10.07 -22.09 14.57
N GLY C 191 -10.03 -23.39 14.86
CA GLY C 191 -9.00 -24.26 14.32
C GLY C 191 -7.71 -24.19 15.10
N VAL C 192 -7.79 -24.39 16.42
CA VAL C 192 -6.64 -24.24 17.30
C VAL C 192 -6.76 -25.28 18.41
N GLU C 193 -5.60 -25.69 18.94
CA GLU C 193 -5.54 -26.62 20.06
C GLU C 193 -5.60 -25.84 21.36
N TYR C 194 -6.30 -26.42 22.34
CA TYR C 194 -6.60 -25.73 23.58
C TYR C 194 -6.57 -26.71 24.74
N THR C 195 -6.52 -26.16 25.95
CA THR C 195 -6.59 -26.93 27.18
C THR C 195 -7.59 -26.30 28.12
N THR C 196 -8.24 -27.12 28.93
CA THR C 196 -9.22 -26.66 29.90
C THR C 196 -8.87 -27.23 31.27
N SER C 197 -9.05 -26.40 32.30
CA SER C 197 -8.75 -26.79 33.67
C SER C 197 -9.96 -26.50 34.54
N ARG C 198 -10.58 -27.56 35.08
CA ARG C 198 -11.68 -27.38 36.02
C ARG C 198 -11.13 -26.83 37.33
N GLU C 199 -11.60 -25.66 37.72
CA GLU C 199 -11.10 -24.97 38.91
C GLU C 199 -12.25 -24.70 39.87
N GLU C 200 -12.07 -25.12 41.12
CA GLU C 200 -13.06 -24.82 42.15
C GLU C 200 -13.05 -23.33 42.48
N SER C 201 -14.22 -22.81 42.85
CA SER C 201 -14.37 -21.39 43.08
C SER C 201 -15.30 -21.16 44.26
N ASP C 202 -15.00 -20.12 45.05
CA ASP C 202 -15.89 -19.67 46.10
C ASP C 202 -16.98 -18.75 45.60
N VAL C 203 -16.90 -18.32 44.34
CA VAL C 203 -17.89 -17.44 43.75
C VAL C 203 -18.95 -18.27 43.05
N TRP C 204 -18.53 -19.12 42.13
CA TRP C 204 -19.43 -19.95 41.34
C TRP C 204 -19.40 -21.40 41.82
N VAL C 205 -20.33 -22.19 41.27
CA VAL C 205 -20.31 -23.63 41.53
C VAL C 205 -18.99 -24.24 41.07
N GLU C 206 -18.49 -23.78 39.92
CA GLU C 206 -17.20 -24.21 39.39
C GLU C 206 -16.81 -23.27 38.27
N THR C 207 -15.51 -23.12 38.06
CA THR C 207 -14.97 -22.33 36.97
C THR C 207 -14.11 -23.21 36.08
N LEU C 208 -14.04 -22.84 34.79
CA LEU C 208 -13.30 -23.61 33.80
C LEU C 208 -12.39 -22.66 33.04
N ASP C 209 -11.10 -22.67 33.38
CA ASP C 209 -10.12 -21.83 32.70
C ASP C 209 -9.73 -22.46 31.38
N VAL C 210 -9.86 -21.71 30.29
CA VAL C 210 -9.52 -22.16 28.95
C VAL C 210 -8.21 -21.49 28.55
N GLU C 211 -7.28 -22.27 28.01
CA GLU C 211 -5.98 -21.76 27.60
C GLU C 211 -5.66 -22.23 26.19
N ILE C 212 -4.98 -21.37 25.44
CA ILE C 212 -4.51 -21.68 24.10
C ILE C 212 -3.04 -21.31 24.02
N ASN C 213 -2.20 -22.30 23.70
CA ASN C 213 -0.74 -22.11 23.60
C ASN C 213 -0.14 -21.60 24.90
N GLY C 214 -0.73 -21.98 26.03
CA GLY C 214 -0.18 -21.63 27.33
C GLY C 214 -0.72 -20.34 27.94
N THR C 215 -1.46 -19.55 27.18
CA THR C 215 -2.04 -18.31 27.67
C THR C 215 -3.53 -18.49 27.91
N GLU C 216 -4.00 -18.07 29.09
CA GLU C 216 -5.42 -18.21 29.40
C GLU C 216 -6.24 -17.29 28.50
N VAL C 217 -7.21 -17.88 27.81
CA VAL C 217 -8.05 -17.14 26.87
C VAL C 217 -9.37 -16.72 27.49
N ALA C 218 -10.01 -17.61 28.24
CA ALA C 218 -11.30 -17.32 28.83
C ALA C 218 -11.51 -18.24 30.03
N SER C 219 -12.53 -17.92 30.83
CA SER C 219 -12.89 -18.70 31.99
C SER C 219 -14.40 -18.88 32.02
N GLY C 220 -14.84 -20.13 31.98
CA GLY C 220 -16.25 -20.41 32.04
C GLY C 220 -16.78 -20.44 33.46
N SER C 221 -18.10 -20.31 33.58
CA SER C 221 -18.78 -20.31 34.86
C SER C 221 -19.96 -21.26 34.81
N VAL C 222 -20.27 -21.87 35.97
CA VAL C 222 -21.33 -22.86 36.08
C VAL C 222 -22.26 -22.46 37.21
N GLY C 223 -23.57 -22.62 36.99
CA GLY C 223 -24.56 -22.49 38.03
C GLY C 223 -24.73 -21.09 38.56
N PRO C 224 -25.71 -20.90 39.44
CA PRO C 224 -25.83 -19.62 40.14
C PRO C 224 -24.63 -19.41 41.06
N HIS C 225 -24.13 -18.18 41.10
CA HIS C 225 -22.92 -17.91 41.87
C HIS C 225 -23.25 -17.82 43.36
N LYS C 226 -22.30 -18.26 44.18
CA LYS C 226 -22.50 -18.39 45.62
C LYS C 226 -22.33 -17.08 46.38
N LEU C 227 -21.53 -16.15 45.84
CA LEU C 227 -21.23 -14.90 46.56
C LEU C 227 -22.50 -14.24 47.05
N ASP C 228 -23.36 -13.80 46.11
CA ASP C 228 -24.72 -13.39 46.40
C ASP C 228 -24.81 -12.24 47.41
N PRO C 229 -24.20 -11.08 47.15
CA PRO C 229 -24.54 -9.91 47.97
C PRO C 229 -25.98 -9.48 47.74
N ALA C 230 -26.44 -9.54 46.49
CA ALA C 230 -27.85 -9.41 46.16
C ALA C 230 -28.44 -10.82 45.97
N HIS C 231 -29.15 -11.12 44.88
CA HIS C 231 -29.64 -12.46 44.63
C HIS C 231 -29.70 -12.69 43.13
N ASP C 232 -29.87 -13.95 42.75
CA ASP C 232 -29.83 -14.34 41.34
C ASP C 232 -30.99 -15.29 41.05
N VAL C 233 -30.84 -16.09 40.00
CA VAL C 233 -31.82 -17.10 39.62
C VAL C 233 -31.41 -18.43 40.24
N HIS C 234 -32.39 -19.31 40.42
CA HIS C 234 -32.14 -20.61 41.05
C HIS C 234 -31.83 -21.72 40.06
N GLU C 235 -32.08 -21.51 38.77
CA GLU C 235 -31.89 -22.59 37.81
C GLU C 235 -30.42 -22.70 37.43
N PRO C 236 -29.86 -23.91 37.42
CA PRO C 236 -28.44 -24.07 37.03
C PRO C 236 -28.21 -23.65 35.59
N TRP C 237 -27.11 -22.94 35.37
CA TRP C 237 -26.76 -22.49 34.04
C TRP C 237 -25.24 -22.42 33.92
N ALA C 238 -24.76 -22.58 32.69
CA ALA C 238 -23.33 -22.52 32.39
C ALA C 238 -23.11 -21.57 31.23
N GLY C 239 -22.01 -20.83 31.27
CA GLY C 239 -21.72 -19.88 30.21
C GLY C 239 -20.24 -19.55 30.16
N ILE C 240 -19.82 -19.06 28.99
CA ILE C 240 -18.44 -18.65 28.79
C ILE C 240 -18.39 -17.66 27.64
N GLY C 241 -17.49 -16.69 27.74
CA GLY C 241 -17.33 -15.65 26.73
C GLY C 241 -15.91 -15.64 26.19
N PHE C 242 -15.80 -15.43 24.88
CA PHE C 242 -14.50 -15.43 24.19
C PHE C 242 -14.33 -14.13 23.43
N GLY C 243 -13.15 -13.53 23.55
CA GLY C 243 -12.77 -12.42 22.69
C GLY C 243 -12.39 -12.96 21.32
N LEU C 244 -13.14 -12.59 20.29
CA LEU C 244 -12.96 -13.23 18.99
C LEU C 244 -11.70 -12.77 18.29
N GLU C 245 -11.38 -11.48 18.35
CA GLU C 245 -10.13 -11.01 17.77
C GLU C 245 -8.94 -11.70 18.43
N ARG C 246 -9.02 -11.92 19.75
CA ARG C 246 -7.97 -12.64 20.45
C ARG C 246 -7.83 -14.05 19.90
N LEU C 247 -8.95 -14.71 19.60
CA LEU C 247 -8.91 -16.06 19.04
C LEU C 247 -8.25 -16.07 17.68
N LEU C 248 -8.58 -15.10 16.82
CA LEU C 248 -7.93 -15.00 15.52
C LEU C 248 -6.44 -14.71 15.68
N MET C 249 -6.07 -13.91 16.69
CA MET C 249 -4.66 -13.60 16.93
C MET C 249 -3.90 -14.83 17.38
N LEU C 250 -4.49 -15.62 18.29
CA LEU C 250 -3.84 -16.81 18.82
C LEU C 250 -3.92 -18.01 17.88
N LYS C 251 -4.67 -17.89 16.77
CA LYS C 251 -4.85 -19.05 15.89
C LYS C 251 -3.53 -19.51 15.29
N ASN C 252 -2.68 -18.57 14.89
CA ASN C 252 -1.39 -18.92 14.30
C ASN C 252 -0.40 -19.49 15.30
N GLY C 253 -0.77 -19.57 16.58
CA GLY C 253 0.09 -20.10 17.62
C GLY C 253 0.96 -19.07 18.30
N LYS C 254 1.32 -17.99 17.62
CA LYS C 254 2.13 -16.93 18.18
C LYS C 254 1.25 -15.79 18.67
N SER C 255 1.69 -15.15 19.75
CA SER C 255 0.94 -14.07 20.38
C SER C 255 1.86 -12.87 20.54
N ASN C 256 1.51 -11.76 19.90
CA ASN C 256 2.25 -10.52 20.06
C ASN C 256 1.67 -9.70 21.21
N ALA C 257 2.48 -8.77 21.71
CA ALA C 257 2.03 -7.82 22.73
C ALA C 257 1.14 -6.72 22.14
N ARG C 258 0.53 -6.99 20.98
CA ARG C 258 -0.37 -6.04 20.35
C ARG C 258 -1.79 -6.34 20.79
N LYS C 259 -2.44 -5.35 21.41
CA LYS C 259 -3.78 -5.56 21.94
C LYS C 259 -4.77 -5.89 20.83
N THR C 260 -5.73 -6.74 21.14
CA THR C 260 -6.72 -7.22 20.19
C THR C 260 -8.07 -6.57 20.44
N GLY C 261 -8.81 -6.34 19.36
CA GLY C 261 -10.13 -5.74 19.44
C GLY C 261 -10.38 -4.85 18.24
N LYS C 262 -11.31 -3.92 18.41
CA LYS C 262 -11.70 -3.02 17.34
C LYS C 262 -10.65 -1.95 17.12
N SER C 263 -10.18 -1.84 15.88
CA SER C 263 -9.13 -0.88 15.54
C SER C 263 -9.43 -0.26 14.18
N ILE C 264 -9.23 1.06 14.10
CA ILE C 264 -9.29 1.76 12.82
C ILE C 264 -8.00 1.62 12.03
N THR C 265 -6.97 1.02 12.63
CA THR C 265 -5.64 0.94 12.05
C THR C 265 -5.42 -0.31 11.21
N TYR C 266 -6.21 -1.35 11.41
CA TYR C 266 -5.98 -2.63 10.77
C TYR C 266 -7.20 -3.09 9.97
N LEU C 267 -6.94 -3.94 8.98
CA LEU C 267 -7.97 -4.54 8.15
C LEU C 267 -7.54 -5.96 7.85
N ASN C 268 -8.27 -6.94 8.40
CA ASN C 268 -7.89 -8.36 8.29
C ASN C 268 -6.46 -8.59 8.76
N GLY C 269 -6.07 -7.89 9.82
CA GLY C 269 -4.75 -8.01 10.37
C GLY C 269 -3.66 -7.23 9.64
N TYR C 270 -3.98 -6.56 8.55
CA TYR C 270 -2.99 -5.78 7.82
C TYR C 270 -3.02 -4.33 8.27
N LYS C 271 -1.84 -3.72 8.37
CA LYS C 271 -1.74 -2.34 8.81
C LYS C 271 -2.15 -1.39 7.69
N LEU C 272 -3.09 -0.51 8.00
CA LEU C 272 -3.63 0.39 6.97
C LEU C 272 -2.76 1.64 6.79
N ASP C 273 -2.30 2.23 7.88
CA ASP C 273 -1.55 3.47 7.81
C ASP C 273 -0.04 3.23 7.68
N MET D 1 71.06 19.95 -3.07
CA MET D 1 71.56 20.08 -4.43
C MET D 1 70.41 20.19 -5.42
N VAL D 2 69.34 19.44 -5.15
CA VAL D 2 68.16 19.47 -6.00
C VAL D 2 67.33 20.71 -5.70
N VAL D 3 66.57 21.16 -6.70
CA VAL D 3 65.66 22.29 -6.55
C VAL D 3 64.31 21.92 -7.16
N LYS D 4 63.28 22.63 -6.71
CA LYS D 4 61.92 22.41 -7.18
C LYS D 4 61.36 23.69 -7.76
N PHE D 5 60.20 23.56 -8.41
CA PHE D 5 59.49 24.73 -8.93
C PHE D 5 59.17 25.70 -7.81
N THR D 6 59.37 26.99 -8.09
CA THR D 6 59.02 28.01 -7.11
C THR D 6 57.50 28.09 -6.95
N ASP D 7 57.09 28.74 -5.86
CA ASP D 7 55.66 28.94 -5.65
C ASP D 7 55.05 29.77 -6.77
N SER D 8 55.81 30.75 -7.29
CA SER D 8 55.32 31.56 -8.40
C SER D 8 55.13 30.72 -9.66
N GLN D 9 56.07 29.81 -9.93
CA GLN D 9 55.98 28.98 -11.12
C GLN D 9 54.83 27.99 -11.04
N ILE D 10 54.63 27.39 -9.85
CA ILE D 10 53.52 26.45 -9.68
C ILE D 10 52.19 27.15 -9.90
N GLN D 11 52.09 28.42 -9.47
CA GLN D 11 50.87 29.17 -9.70
C GLN D 11 50.62 29.40 -11.18
N HIS D 12 51.67 29.69 -11.95
CA HIS D 12 51.51 29.84 -13.39
C HIS D 12 51.09 28.53 -14.04
N LEU D 13 51.65 27.41 -13.58
CA LEU D 13 51.36 26.12 -14.20
C LEU D 13 49.96 25.65 -13.91
N MET D 14 49.46 25.91 -12.69
CA MET D 14 48.14 25.41 -12.32
C MET D 14 47.01 26.15 -13.03
N GLU D 15 47.26 27.37 -13.51
CA GLU D 15 46.21 28.09 -14.22
C GLU D 15 45.87 27.43 -15.55
N TYR D 16 46.85 26.82 -16.21
CA TYR D 16 46.64 26.17 -17.49
C TYR D 16 46.70 24.65 -17.43
N GLY D 17 46.87 24.07 -16.23
CA GLY D 17 47.08 22.64 -16.13
C GLY D 17 46.38 22.04 -14.92
N ASP D 18 46.39 20.72 -14.89
CA ASP D 18 45.82 19.94 -13.80
C ASP D 18 46.83 19.06 -13.09
N ASN D 19 48.07 18.98 -13.59
CA ASN D 19 49.06 18.06 -13.06
C ASN D 19 49.61 18.55 -11.73
N ASP D 20 50.27 17.64 -11.03
CA ASP D 20 50.88 17.92 -9.72
C ASP D 20 52.35 18.26 -9.95
N TRP D 21 52.66 19.54 -9.92
CA TRP D 21 54.01 20.02 -10.21
C TRP D 21 54.91 20.09 -8.98
N SER D 22 54.41 19.64 -7.82
CA SER D 22 55.22 19.68 -6.60
C SER D 22 56.30 18.60 -6.58
N GLU D 23 56.15 17.54 -7.38
CA GLU D 23 57.11 16.44 -7.42
C GLU D 23 58.24 16.68 -8.40
N ALA D 24 58.22 17.78 -9.15
CA ALA D 24 59.27 18.04 -10.12
C ALA D 24 60.56 18.46 -9.41
N GLU D 25 61.65 17.77 -9.73
CA GLU D 25 62.96 18.06 -9.16
C GLU D 25 63.97 18.23 -10.29
N PHE D 26 64.92 19.13 -10.08
CA PHE D 26 65.87 19.49 -11.13
C PHE D 26 67.26 19.64 -10.52
N GLU D 27 68.28 19.62 -11.40
CA GLU D 27 69.66 19.65 -10.93
C GLU D 27 70.04 21.02 -10.37
N ASP D 28 69.55 22.09 -10.99
CA ASP D 28 69.85 23.45 -10.54
C ASP D 28 68.72 24.36 -10.94
N ALA D 29 68.87 25.65 -10.61
CA ALA D 29 67.84 26.63 -10.93
C ALA D 29 67.70 26.82 -12.44
N ALA D 30 68.78 26.64 -13.19
CA ALA D 30 68.72 26.82 -14.64
C ALA D 30 67.89 25.73 -15.29
N ALA D 31 68.11 24.47 -14.90
CA ALA D 31 67.34 23.37 -15.46
C ALA D 31 65.86 23.50 -15.10
N ARG D 32 65.55 24.06 -13.92
CA ARG D 32 64.16 24.25 -13.53
C ARG D 32 63.52 25.36 -14.35
N ASP D 33 64.21 26.49 -14.51
CA ASP D 33 63.66 27.59 -15.27
C ASP D 33 63.54 27.25 -16.75
N LYS D 34 64.39 26.34 -17.24
CA LYS D 34 64.27 25.89 -18.62
C LYS D 34 63.05 24.99 -18.81
N GLU D 35 62.80 24.10 -17.84
CA GLU D 35 61.66 23.20 -17.94
C GLU D 35 60.35 23.94 -17.71
N PHE D 36 60.36 24.99 -16.88
CA PHE D 36 59.15 25.77 -16.66
C PHE D 36 58.71 26.45 -17.95
N SER D 37 59.65 27.11 -18.65
CA SER D 37 59.31 27.77 -19.91
C SER D 37 58.81 26.75 -20.93
N SER D 38 59.39 25.55 -20.94
CA SER D 38 58.92 24.51 -21.85
C SER D 38 57.55 24.00 -21.46
N GLN D 39 57.35 23.69 -20.18
CA GLN D 39 56.08 23.15 -19.72
C GLN D 39 54.97 24.19 -19.82
N PHE D 40 55.26 25.45 -19.48
CA PHE D 40 54.24 26.49 -19.53
C PHE D 40 53.80 26.76 -20.96
N SER D 41 54.73 26.69 -21.92
CA SER D 41 54.36 26.92 -23.31
C SER D 41 53.50 25.79 -23.85
N LYS D 42 53.82 24.54 -23.49
CA LYS D 42 53.00 23.42 -23.93
C LYS D 42 51.60 23.51 -23.36
N LEU D 43 51.48 23.86 -22.08
CA LEU D 43 50.17 23.96 -21.45
C LEU D 43 49.32 25.05 -22.11
N LYS D 44 49.91 26.25 -22.29
CA LYS D 44 49.15 27.34 -22.88
C LYS D 44 48.79 27.06 -24.34
N SER D 45 49.65 26.32 -25.06
CA SER D 45 49.32 25.95 -26.43
C SER D 45 48.21 24.90 -26.45
N ALA D 46 48.32 23.87 -25.61
CA ALA D 46 47.27 22.85 -25.55
C ALA D 46 45.96 23.44 -25.04
N ASN D 47 46.03 24.36 -24.07
CA ASN D 47 44.82 24.99 -23.56
C ASN D 47 44.13 25.80 -24.64
N ASP D 48 44.90 26.56 -25.42
CA ASP D 48 44.30 27.38 -26.45
C ASP D 48 43.81 26.55 -27.63
N LYS D 49 44.48 25.44 -27.92
CA LYS D 49 43.98 24.51 -28.92
C LYS D 49 42.68 23.86 -28.46
N GLY D 50 42.64 23.39 -27.21
CA GLY D 50 41.43 22.76 -26.70
C GLY D 50 40.25 23.69 -26.70
N LEU D 51 40.43 24.91 -26.20
CA LEU D 51 39.36 25.89 -26.18
C LEU D 51 38.90 26.23 -27.60
N LYS D 52 39.83 26.24 -28.56
CA LYS D 52 39.44 26.46 -29.95
C LYS D 52 38.57 25.32 -30.46
N ASP D 53 38.84 24.09 -30.01
CA ASP D 53 38.03 22.96 -30.43
C ASP D 53 36.66 22.98 -29.77
N VAL D 54 36.55 23.54 -28.56
CA VAL D 54 35.24 23.66 -27.93
C VAL D 54 34.36 24.60 -28.73
N ILE D 55 34.94 25.62 -29.36
CA ILE D 55 34.16 26.49 -30.23
C ILE D 55 33.73 25.74 -31.47
N ALA D 56 34.63 24.95 -32.06
CA ALA D 56 34.28 24.19 -33.26
C ALA D 56 33.36 23.02 -32.95
N ASN D 57 33.51 22.39 -31.79
CA ASN D 57 32.71 21.25 -31.39
C ASN D 57 32.20 21.50 -29.98
N PRO D 58 31.10 22.26 -29.86
CA PRO D 58 30.60 22.62 -28.52
C PRO D 58 30.30 21.42 -27.66
N ARG D 59 30.53 21.58 -26.36
CA ARG D 59 30.25 20.57 -25.36
C ARG D 59 30.42 21.21 -23.99
N ASN D 60 29.78 20.61 -23.00
CA ASN D 60 29.91 21.04 -21.60
C ASN D 60 30.03 19.78 -20.76
N ASP D 61 31.23 19.54 -20.23
CA ASP D 61 31.48 18.30 -19.51
C ASP D 61 30.65 18.20 -18.23
N LEU D 62 30.37 19.35 -17.59
CA LEU D 62 29.56 19.32 -16.38
C LEU D 62 28.13 18.90 -16.70
N THR D 63 27.55 19.48 -17.75
CA THR D 63 26.22 19.07 -18.18
C THR D 63 26.15 17.58 -18.49
N ASP D 64 27.18 17.06 -19.16
CA ASP D 64 27.18 15.64 -19.52
C ASP D 64 27.29 14.75 -18.28
N LEU D 65 28.06 15.18 -17.27
CA LEU D 65 28.12 14.42 -16.03
C LEU D 65 26.78 14.44 -15.31
N GLU D 66 26.11 15.59 -15.29
CA GLU D 66 24.80 15.68 -14.65
C GLU D 66 23.80 14.74 -15.31
N ASN D 67 23.78 14.69 -16.63
CA ASN D 67 22.81 13.86 -17.33
C ASN D 67 23.14 12.37 -17.17
N LYS D 68 24.42 12.02 -17.05
CA LYS D 68 24.77 10.64 -16.74
C LYS D 68 24.35 10.29 -15.32
N ILE D 69 24.45 11.25 -14.40
CA ILE D 69 23.96 11.03 -13.04
C ILE D 69 22.45 10.88 -13.04
N ARG D 70 21.75 11.69 -13.83
CA ARG D 70 20.30 11.57 -13.92
C ARG D 70 19.89 10.21 -14.46
N GLU D 71 20.63 9.70 -15.45
CA GLU D 71 20.28 8.41 -16.06
C GLU D 71 20.43 7.27 -15.06
N LYS D 72 21.46 7.33 -14.20
CA LYS D 72 21.67 6.24 -13.25
C LYS D 72 20.70 6.32 -12.07
N LEU D 73 20.40 7.53 -11.60
CA LEU D 73 19.48 7.67 -10.48
C LEU D 73 18.04 7.43 -10.89
N ALA D 74 17.69 7.74 -12.14
CA ALA D 74 16.33 7.48 -12.61
C ALA D 74 16.05 5.98 -12.67
N ALA D 75 17.06 5.18 -13.02
CA ALA D 75 16.90 3.73 -12.99
C ALA D 75 16.67 3.20 -11.59
N ARG D 76 17.01 3.98 -10.56
CA ARG D 76 16.75 3.64 -9.17
C ARG D 76 15.43 4.20 -8.66
N GLY D 77 14.65 4.88 -9.51
CA GLY D 77 13.40 5.45 -9.08
C GLY D 77 13.49 6.77 -8.37
N PHE D 78 14.59 7.50 -8.54
CA PHE D 78 14.74 8.81 -7.93
C PHE D 78 13.96 9.87 -8.69
N ILE D 79 13.40 10.82 -7.95
CA ILE D 79 12.77 12.01 -8.52
C ILE D 79 13.78 13.15 -8.45
N GLU D 80 13.94 13.88 -9.56
CA GLU D 80 14.75 15.09 -9.51
C GLU D 80 13.88 16.26 -9.07
N VAL D 81 14.38 17.04 -8.12
CA VAL D 81 13.67 18.19 -7.60
C VAL D 81 14.48 19.45 -7.85
N HIS D 82 13.79 20.58 -7.94
CA HIS D 82 14.38 21.90 -8.06
C HIS D 82 13.89 22.73 -6.88
N THR D 83 14.77 23.04 -5.93
CA THR D 83 14.39 23.77 -4.74
C THR D 83 15.09 25.13 -4.71
N PRO D 84 14.55 26.09 -3.94
CA PRO D 84 15.16 27.43 -3.91
C PRO D 84 16.52 27.43 -3.24
N ILE D 85 17.32 28.42 -3.61
CA ILE D 85 18.63 28.60 -3.00
C ILE D 85 18.51 29.24 -1.61
N PHE D 86 17.55 30.15 -1.44
CA PHE D 86 17.34 30.78 -0.13
C PHE D 86 16.83 29.76 0.87
N VAL D 87 17.50 29.69 2.03
CA VAL D 87 17.08 28.84 3.13
C VAL D 87 17.06 29.68 4.40
N SER D 88 16.24 29.23 5.35
CA SER D 88 16.02 29.98 6.59
C SER D 88 17.05 29.59 7.65
N LYS D 89 17.32 30.55 8.55
CA LYS D 89 18.24 30.30 9.65
C LYS D 89 17.78 29.12 10.51
N SER D 90 16.47 28.96 10.67
CA SER D 90 15.95 27.82 11.42
C SER D 90 16.21 26.52 10.68
N ALA D 91 16.10 26.53 9.35
CA ALA D 91 16.35 25.32 8.57
C ALA D 91 17.81 24.89 8.70
N LEU D 92 18.74 25.85 8.74
CA LEU D 92 20.14 25.51 8.99
C LEU D 92 20.30 24.82 10.34
N ALA D 93 19.71 25.40 11.39
CA ALA D 93 19.89 24.85 12.74
C ALA D 93 19.32 23.45 12.85
N LYS D 94 18.15 23.21 12.24
CA LYS D 94 17.56 21.88 12.25
C LYS D 94 18.38 20.88 11.43
N MET D 95 19.38 21.34 10.69
CA MET D 95 20.29 20.48 9.94
C MET D 95 21.70 20.54 10.53
N THR D 96 21.80 20.69 11.86
CA THR D 96 23.06 20.67 12.61
C THR D 96 23.88 21.95 12.37
N ILE D 97 23.44 22.80 11.45
CA ILE D 97 24.21 24.00 11.10
C ILE D 97 23.78 25.10 12.06
N THR D 98 24.37 25.07 13.26
CA THR D 98 24.21 26.10 14.27
C THR D 98 25.49 26.93 14.34
N GLU D 99 25.49 27.92 15.24
CA GLU D 99 26.68 28.74 15.42
C GLU D 99 27.90 27.91 15.81
N ASP D 100 27.69 26.76 16.45
CA ASP D 100 28.80 25.88 16.78
C ASP D 100 29.36 25.18 15.55
N HIS D 101 28.52 24.95 14.54
CA HIS D 101 28.98 24.22 13.37
C HIS D 101 29.96 25.06 12.57
N PRO D 102 31.07 24.46 12.10
CA PRO D 102 32.06 25.23 11.34
C PRO D 102 31.53 25.74 10.01
N LEU D 103 30.51 25.10 9.43
CA LEU D 103 29.95 25.56 8.18
C LEU D 103 29.14 26.84 8.33
N PHE D 104 28.71 27.16 9.56
CA PHE D 104 27.87 28.34 9.78
C PHE D 104 28.61 29.62 9.39
N LYS D 105 29.90 29.69 9.67
CA LYS D 105 30.67 30.89 9.35
C LYS D 105 30.84 31.09 7.86
N GLN D 106 30.73 30.03 7.06
CA GLN D 106 30.87 30.14 5.61
C GLN D 106 29.57 30.53 4.91
N VAL D 107 28.49 30.74 5.66
CA VAL D 107 27.18 30.94 5.06
C VAL D 107 27.01 32.38 4.63
N PHE D 108 26.57 32.59 3.40
CA PHE D 108 26.22 33.92 2.91
C PHE D 108 24.81 34.28 3.36
N TRP D 109 24.66 35.48 3.91
CA TRP D 109 23.37 35.95 4.38
C TRP D 109 22.92 37.15 3.56
N ILE D 110 21.71 37.08 3.00
CA ILE D 110 21.14 38.21 2.29
C ILE D 110 20.46 39.15 3.26
N ASP D 111 19.66 38.61 4.17
CA ASP D 111 19.06 39.36 5.26
C ASP D 111 18.91 38.39 6.44
N ASP D 112 18.06 38.75 7.40
CA ASP D 112 17.82 37.87 8.54
C ASP D 112 17.13 36.59 8.08
N LYS D 113 17.63 35.46 8.57
CA LYS D 113 17.15 34.12 8.22
C LYS D 113 17.44 33.73 6.78
N ARG D 114 17.12 34.61 5.82
CA ARG D 114 17.33 34.28 4.40
C ARG D 114 18.82 34.20 4.10
N ALA D 115 19.30 33.00 3.81
CA ALA D 115 20.70 32.76 3.50
C ALA D 115 20.81 31.94 2.23
N LEU D 116 21.98 32.04 1.60
CA LEU D 116 22.28 31.18 0.46
C LEU D 116 22.60 29.77 0.97
N ARG D 117 22.02 28.77 0.33
CA ARG D 117 22.17 27.40 0.80
C ARG D 117 23.63 26.94 0.67
N PRO D 118 24.24 26.43 1.73
CA PRO D 118 25.53 25.75 1.61
C PRO D 118 25.42 24.27 1.27
N MET D 119 24.20 23.74 1.21
CA MET D 119 23.95 22.34 0.92
C MET D 119 22.48 22.20 0.56
N HIS D 120 22.13 21.04 -0.03
CA HIS D 120 20.75 20.76 -0.38
C HIS D 120 20.00 20.01 0.70
N ALA D 121 20.62 19.76 1.86
CA ALA D 121 20.00 18.88 2.85
C ALA D 121 18.71 19.47 3.40
N MET D 122 18.70 20.77 3.70
CA MET D 122 17.52 21.40 4.28
C MET D 122 16.30 21.23 3.37
N ASN D 123 16.43 21.67 2.12
CA ASN D 123 15.29 21.62 1.20
C ASN D 123 14.93 20.20 0.81
N ALA D 124 15.92 19.30 0.73
CA ALA D 124 15.63 17.92 0.39
C ALA D 124 14.75 17.26 1.44
N LEU D 125 15.09 17.44 2.71
CA LEU D 125 14.30 16.85 3.78
C LEU D 125 12.91 17.46 3.83
N LYS D 126 12.78 18.74 3.45
CA LYS D 126 11.46 19.36 3.40
C LYS D 126 10.59 18.73 2.32
N VAL D 127 11.15 18.45 1.15
CA VAL D 127 10.38 17.86 0.07
C VAL D 127 9.98 16.42 0.40
N MET D 128 10.94 15.64 0.91
CA MET D 128 10.63 14.26 1.30
C MET D 128 9.57 14.22 2.38
N ARG D 129 9.64 15.16 3.33
CA ARG D 129 8.62 15.23 4.38
C ARG D 129 7.24 15.44 3.78
N GLU D 130 7.14 16.27 2.74
CA GLU D 130 5.86 16.48 2.08
C GLU D 130 5.49 15.29 1.19
N LEU D 131 6.47 14.65 0.57
CA LEU D 131 6.18 13.49 -0.27
C LEU D 131 5.70 12.30 0.56
N ARG D 132 6.08 12.24 1.84
CA ARG D 132 5.61 11.17 2.70
C ARG D 132 4.09 11.20 2.88
N ASP D 133 3.49 12.38 2.77
CA ASP D 133 2.03 12.50 2.86
C ASP D 133 1.32 11.92 1.64
N HIS D 134 2.05 11.61 0.56
CA HIS D 134 1.43 11.14 -0.67
C HIS D 134 1.84 9.71 -1.03
N THR D 135 2.73 9.10 -0.26
CA THR D 135 3.10 7.71 -0.50
C THR D 135 3.60 7.11 0.81
N LYS D 136 3.47 5.79 0.92
CA LYS D 136 3.95 5.07 2.09
C LYS D 136 5.20 4.26 1.82
N GLY D 137 5.65 4.18 0.56
CA GLY D 137 6.88 3.50 0.23
C GLY D 137 8.08 4.42 0.34
N PRO D 138 9.19 4.02 -0.27
CA PRO D 138 10.41 4.83 -0.18
C PRO D 138 10.29 6.12 -0.98
N VAL D 139 10.80 7.20 -0.40
CA VAL D 139 10.89 8.50 -1.06
C VAL D 139 12.34 8.69 -1.47
N LYS D 140 12.58 8.80 -2.78
CA LYS D 140 13.93 8.93 -3.33
C LYS D 140 13.97 10.19 -4.21
N ILE D 141 14.73 11.19 -3.76
CA ILE D 141 14.85 12.45 -4.49
C ILE D 141 16.33 12.84 -4.59
N PHE D 142 16.61 13.71 -5.56
CA PHE D 142 17.94 14.27 -5.71
C PHE D 142 17.82 15.63 -6.39
N GLU D 143 18.79 16.49 -6.11
CA GLU D 143 18.87 17.81 -6.72
C GLU D 143 20.29 18.08 -7.21
N ILE D 144 20.39 18.76 -8.34
CA ILE D 144 21.67 19.26 -8.86
C ILE D 144 21.54 20.78 -8.91
N GLY D 145 22.30 21.47 -8.08
CA GLY D 145 22.18 22.92 -8.05
C GLY D 145 23.36 23.57 -7.36
N SER D 146 23.44 24.89 -7.53
CA SER D 146 24.53 25.67 -6.96
C SER D 146 24.39 25.79 -5.44
N CYS D 147 25.50 25.63 -4.74
CA CYS D 147 25.59 25.89 -3.32
C CYS D 147 26.69 26.92 -3.06
N PHE D 148 26.61 27.57 -1.91
CA PHE D 148 27.44 28.74 -1.63
C PHE D 148 28.13 28.59 -0.28
N ARG D 149 29.44 28.75 -0.28
CA ARG D 149 30.25 28.74 0.93
C ARG D 149 31.38 29.74 0.76
N LYS D 150 31.54 30.64 1.73
CA LYS D 150 32.61 31.62 1.68
C LYS D 150 33.97 30.94 1.52
N GLU D 151 34.78 31.46 0.61
CA GLU D 151 36.04 30.81 0.27
C GLU D 151 37.00 30.85 1.45
N SER D 152 37.56 29.68 1.77
CA SER D 152 38.63 29.56 2.76
C SER D 152 39.73 28.70 2.17
N LYS D 153 40.94 28.87 2.71
CA LYS D 153 42.09 28.13 2.19
C LYS D 153 42.00 26.63 2.47
N SER D 154 41.14 26.21 3.39
CA SER D 154 41.04 24.80 3.75
C SER D 154 39.97 24.05 2.97
N SER D 155 39.00 24.76 2.39
CA SER D 155 37.85 24.11 1.78
C SER D 155 38.08 23.67 0.34
N THR D 156 38.99 24.33 -0.38
CA THR D 156 39.30 24.07 -1.79
C THR D 156 38.11 24.24 -2.70
N HIS D 157 37.00 24.78 -2.21
CA HIS D 157 35.83 25.10 -3.01
C HIS D 157 35.82 26.59 -3.35
N LEU D 158 35.38 26.91 -4.56
CA LEU D 158 35.05 28.29 -4.85
C LEU D 158 33.78 28.70 -4.08
N GLU D 159 33.51 30.01 -4.08
CA GLU D 159 32.37 30.49 -3.31
C GLU D 159 31.04 29.97 -3.82
N GLU D 160 30.96 29.60 -5.10
CA GLU D 160 29.79 28.95 -5.66
C GLU D 160 30.23 27.70 -6.40
N PHE D 161 29.55 26.59 -6.15
CA PHE D 161 29.88 25.32 -6.80
C PHE D 161 28.62 24.50 -6.96
N THR D 162 28.62 23.62 -7.96
CA THR D 162 27.47 22.78 -8.26
C THR D 162 27.53 21.53 -7.40
N MET D 163 26.49 21.31 -6.60
CA MET D 163 26.42 20.17 -5.70
C MET D 163 25.28 19.26 -6.11
N LEU D 164 25.57 17.96 -6.19
CA LEU D 164 24.56 16.93 -6.33
C LEU D 164 24.27 16.33 -4.96
N ASN D 165 23.01 16.37 -4.55
CA ASN D 165 22.59 15.78 -3.28
C ASN D 165 21.47 14.78 -3.57
N LEU D 166 21.67 13.53 -3.14
CA LEU D 166 20.64 12.52 -3.20
C LEU D 166 20.22 12.13 -1.80
N ALA D 167 18.95 11.77 -1.65
CA ALA D 167 18.43 11.38 -0.34
C ALA D 167 17.32 10.36 -0.51
N GLU D 168 17.23 9.44 0.45
CA GLU D 168 16.15 8.47 0.50
C GLU D 168 15.58 8.46 1.91
N MET D 169 14.26 8.51 2.02
CA MET D 169 13.57 8.43 3.30
C MET D 169 12.67 7.21 3.31
N GLY D 170 12.63 6.51 4.44
CA GLY D 170 11.90 5.28 4.58
C GLY D 170 12.27 4.26 3.51
N PRO D 171 13.54 3.84 3.50
CA PRO D 171 14.01 2.98 2.43
C PRO D 171 13.43 1.58 2.51
N ASP D 172 13.47 0.88 1.38
CA ASP D 172 13.03 -0.52 1.31
C ASP D 172 14.22 -1.45 1.59
N GLY D 173 14.80 -1.25 2.75
CA GLY D 173 15.98 -1.99 3.17
C GLY D 173 16.77 -1.18 4.18
N ASP D 174 18.05 -1.49 4.28
CA ASP D 174 18.92 -0.76 5.19
C ASP D 174 19.26 0.60 4.61
N PRO D 175 19.12 1.69 5.37
CA PRO D 175 19.43 3.01 4.80
C PRO D 175 20.88 3.15 4.34
N MET D 176 21.83 2.64 5.13
CA MET D 176 23.24 2.80 4.77
C MET D 176 23.62 1.94 3.57
N GLU D 177 23.05 0.73 3.48
CA GLU D 177 23.34 -0.12 2.34
C GLU D 177 22.84 0.52 1.04
N HIS D 178 21.66 1.15 1.09
CA HIS D 178 21.15 1.84 -0.09
C HIS D 178 22.02 3.05 -0.44
N LEU D 179 22.50 3.77 0.58
CA LEU D 179 23.36 4.92 0.34
C LEU D 179 24.62 4.51 -0.39
N LYS D 180 25.29 3.46 0.09
CA LYS D 180 26.49 2.97 -0.59
C LYS D 180 26.19 2.52 -2.01
N MET D 181 24.97 2.04 -2.26
CA MET D 181 24.60 1.61 -3.60
C MET D 181 24.43 2.80 -4.53
N TYR D 182 23.84 3.90 -4.03
CA TYR D 182 23.66 5.08 -4.86
C TYR D 182 24.98 5.80 -5.08
N ILE D 183 25.87 5.79 -4.08
CA ILE D 183 27.21 6.35 -4.26
C ILE D 183 27.94 5.64 -5.37
N GLY D 184 27.72 4.33 -5.51
CA GLY D 184 28.35 3.60 -6.59
C GLY D 184 27.89 4.06 -7.97
N ASP D 185 26.61 4.44 -8.08
CA ASP D 185 26.11 4.94 -9.35
C ASP D 185 26.75 6.27 -9.73
N ILE D 186 26.94 7.16 -8.75
CA ILE D 186 27.58 8.44 -9.01
C ILE D 186 29.02 8.23 -9.44
N MET D 187 29.77 7.44 -8.66
CA MET D 187 31.19 7.24 -8.95
C MET D 187 31.38 6.50 -10.28
N ASP D 188 30.47 5.59 -10.62
CA ASP D 188 30.53 4.96 -11.94
C ASP D 188 30.26 5.97 -13.05
N ALA D 189 29.29 6.86 -12.83
CA ALA D 189 29.01 7.90 -13.82
C ALA D 189 30.20 8.84 -13.98
N VAL D 190 30.84 9.21 -12.87
CA VAL D 190 32.05 10.02 -12.95
C VAL D 190 33.19 9.22 -13.58
N GLY D 191 33.26 7.93 -13.26
CA GLY D 191 34.34 7.09 -13.75
C GLY D 191 35.60 7.23 -12.92
N VAL D 192 35.48 7.08 -11.61
CA VAL D 192 36.59 7.30 -10.70
C VAL D 192 36.53 6.30 -9.56
N GLU D 193 37.70 5.91 -9.06
CA GLU D 193 37.80 5.00 -7.93
C GLU D 193 37.59 5.76 -6.63
N TYR D 194 37.01 5.06 -5.64
CA TYR D 194 36.63 5.71 -4.40
C TYR D 194 36.64 4.69 -3.27
N THR D 195 36.84 5.19 -2.06
CA THR D 195 36.77 4.39 -0.85
C THR D 195 35.70 4.96 0.08
N THR D 196 35.07 4.09 0.86
CA THR D 196 34.04 4.48 1.81
C THR D 196 34.38 3.91 3.18
N SER D 197 34.07 4.68 4.22
CA SER D 197 34.35 4.29 5.59
C SER D 197 33.13 4.60 6.44
N ARG D 198 32.47 3.56 6.95
CA ARG D 198 31.34 3.75 7.85
C ARG D 198 31.87 4.16 9.22
N GLU D 199 31.46 5.33 9.70
CA GLU D 199 31.96 5.91 10.93
C GLU D 199 30.83 6.10 11.93
N GLU D 200 31.12 5.80 13.19
CA GLU D 200 30.16 6.07 14.26
C GLU D 200 30.11 7.57 14.54
N SER D 201 28.94 8.03 15.00
CA SER D 201 28.72 9.47 15.16
C SER D 201 27.87 9.72 16.40
N ASP D 202 28.11 10.86 17.03
CA ASP D 202 27.29 11.33 18.14
C ASP D 202 26.18 12.26 17.72
N VAL D 203 26.22 12.78 16.49
CA VAL D 203 25.19 13.67 15.98
C VAL D 203 24.20 12.93 15.08
N TRP D 204 24.68 12.01 14.26
CA TRP D 204 23.84 11.23 13.37
C TRP D 204 23.80 9.77 13.81
N VAL D 205 22.91 9.01 13.17
CA VAL D 205 22.87 7.56 13.41
C VAL D 205 24.17 6.92 12.96
N GLU D 206 24.67 7.33 11.79
CA GLU D 206 25.94 6.84 11.26
C GLU D 206 26.37 7.78 10.14
N THR D 207 27.69 7.87 9.93
CA THR D 207 28.26 8.68 8.87
C THR D 207 29.11 7.80 7.97
N LEU D 208 29.21 8.20 6.70
CA LEU D 208 29.95 7.45 5.68
C LEU D 208 30.89 8.42 4.97
N ASP D 209 32.17 8.37 5.32
CA ASP D 209 33.17 9.20 4.67
C ASP D 209 33.56 8.58 3.34
N VAL D 210 33.46 9.37 2.27
CA VAL D 210 33.84 8.94 0.93
C VAL D 210 35.12 9.66 0.55
N GLU D 211 36.09 8.91 0.04
CA GLU D 211 37.38 9.46 -0.36
C GLU D 211 37.71 9.02 -1.78
N ILE D 212 38.36 9.91 -2.52
CA ILE D 212 38.85 9.63 -3.86
C ILE D 212 40.34 9.96 -3.89
N ASN D 213 41.17 8.96 -4.20
CA ASN D 213 42.62 9.12 -4.23
C ASN D 213 43.15 9.62 -2.89
N GLY D 214 42.53 9.16 -1.80
CA GLY D 214 42.96 9.52 -0.46
C GLY D 214 42.47 10.85 0.05
N THR D 215 41.71 11.60 -0.74
CA THR D 215 41.17 12.89 -0.33
C THR D 215 39.68 12.75 -0.08
N GLU D 216 39.23 13.19 1.10
CA GLU D 216 37.82 13.08 1.45
C GLU D 216 36.98 13.97 0.54
N VAL D 217 36.02 13.37 -0.15
CA VAL D 217 35.18 14.08 -1.10
C VAL D 217 33.85 14.48 -0.47
N ALA D 218 33.23 13.58 0.29
CA ALA D 218 31.95 13.87 0.91
C ALA D 218 31.77 12.97 2.13
N SER D 219 30.73 13.25 2.89
CA SER D 219 30.41 12.51 4.10
C SER D 219 28.89 12.31 4.16
N GLY D 220 28.45 11.06 4.01
CA GLY D 220 27.04 10.77 4.08
C GLY D 220 26.50 10.80 5.50
N SER D 221 25.18 10.88 5.60
CA SER D 221 24.50 10.93 6.89
C SER D 221 23.30 9.98 6.86
N VAL D 222 22.95 9.45 8.02
CA VAL D 222 21.89 8.46 8.16
C VAL D 222 20.97 8.87 9.29
N GLY D 223 19.66 8.75 9.05
CA GLY D 223 18.66 8.91 10.09
C GLY D 223 18.55 10.33 10.61
N PRO D 224 17.54 10.58 11.44
CA PRO D 224 17.43 11.89 12.10
C PRO D 224 18.60 12.11 13.04
N HIS D 225 19.06 13.36 13.09
CA HIS D 225 20.16 13.68 13.98
C HIS D 225 19.66 13.80 15.41
N LYS D 226 20.59 13.66 16.36
CA LYS D 226 20.27 13.58 17.78
C LYS D 226 20.49 14.90 18.52
N LEU D 227 20.83 15.97 17.81
CA LEU D 227 21.26 17.18 18.49
C LEU D 227 20.08 17.92 19.14
N ASP D 228 20.44 18.90 19.98
CA ASP D 228 19.45 19.62 20.77
C ASP D 228 18.40 20.35 19.91
N PRO D 229 18.76 21.10 18.86
CA PRO D 229 17.70 21.78 18.09
C PRO D 229 16.70 20.83 17.45
N ALA D 230 17.18 19.65 17.01
CA ALA D 230 16.34 18.59 16.46
C ALA D 230 15.66 19.00 15.15
N HIS D 231 15.24 18.01 14.36
CA HIS D 231 14.51 18.23 13.12
C HIS D 231 13.07 17.78 13.29
N ASP D 232 12.27 18.05 12.26
CA ASP D 232 10.85 17.71 12.29
C ASP D 232 10.57 16.27 11.86
N VAL D 233 11.45 15.69 11.04
CA VAL D 233 11.25 14.34 10.54
C VAL D 233 11.90 13.34 11.49
N HIS D 234 11.13 12.34 11.92
CA HIS D 234 11.64 11.26 12.74
C HIS D 234 11.86 9.97 11.94
N GLU D 235 11.50 9.95 10.67
CA GLU D 235 11.62 8.74 9.86
C GLU D 235 13.09 8.52 9.48
N PRO D 236 13.54 7.27 9.41
CA PRO D 236 14.93 7.01 8.98
C PRO D 236 15.15 7.51 7.55
N TRP D 237 16.27 8.20 7.35
CA TRP D 237 16.62 8.69 6.02
C TRP D 237 18.13 8.74 5.88
N ALA D 238 18.59 8.63 4.63
CA ALA D 238 20.00 8.69 4.29
C ALA D 238 20.20 9.65 3.12
N GLY D 239 21.26 10.45 3.19
CA GLY D 239 21.54 11.42 2.14
C GLY D 239 23.01 11.77 2.09
N ILE D 240 23.44 12.25 0.92
CA ILE D 240 24.82 12.63 0.70
C ILE D 240 24.87 13.63 -0.43
N GLY D 241 25.83 14.55 -0.33
CA GLY D 241 26.01 15.60 -1.32
C GLY D 241 27.43 15.65 -1.82
N PHE D 242 27.58 15.75 -3.14
CA PHE D 242 28.88 15.80 -3.80
C PHE D 242 29.01 17.10 -4.58
N GLY D 243 30.17 17.73 -4.49
CA GLY D 243 30.50 18.82 -5.38
C GLY D 243 30.91 18.29 -6.74
N LEU D 244 30.18 18.67 -7.80
CA LEU D 244 30.38 18.04 -9.09
C LEU D 244 31.66 18.51 -9.77
N GLU D 245 31.97 19.80 -9.68
CA GLU D 245 33.23 20.29 -10.25
C GLU D 245 34.42 19.60 -9.60
N ARG D 246 34.35 19.36 -8.28
CA ARG D 246 35.42 18.63 -7.61
C ARG D 246 35.52 17.20 -8.12
N LEU D 247 34.38 16.56 -8.43
CA LEU D 247 34.41 15.22 -8.98
C LEU D 247 35.06 15.19 -10.35
N LEU D 248 34.68 16.13 -11.22
CA LEU D 248 35.31 16.21 -12.54
C LEU D 248 36.80 16.46 -12.44
N MET D 249 37.22 17.29 -11.47
CA MET D 249 38.65 17.54 -11.29
C MET D 249 39.39 16.28 -10.86
N LEU D 250 38.82 15.53 -9.92
CA LEU D 250 39.49 14.35 -9.37
C LEU D 250 39.40 13.13 -10.28
N LYS D 251 38.59 13.19 -11.35
CA LYS D 251 38.42 12.02 -12.20
C LYS D 251 39.74 11.65 -12.90
N ASN D 252 40.46 12.66 -13.40
CA ASN D 252 41.72 12.42 -14.09
C ASN D 252 42.82 11.91 -13.19
N GLY D 253 42.58 11.75 -11.89
CA GLY D 253 43.58 11.23 -10.99
C GLY D 253 44.45 12.33 -10.39
N LYS D 254 44.66 13.40 -11.15
CA LYS D 254 45.45 14.53 -10.70
C LYS D 254 44.57 15.52 -9.95
N SER D 255 45.17 16.21 -8.99
CA SER D 255 44.49 17.23 -8.19
C SER D 255 45.39 18.46 -8.13
N ASN D 256 45.05 19.48 -8.92
CA ASN D 256 45.75 20.75 -8.85
C ASN D 256 45.16 21.61 -7.75
N ALA D 257 46.03 22.35 -7.06
CA ALA D 257 45.57 23.23 -5.99
C ALA D 257 44.77 24.40 -6.55
N ARG D 258 43.76 24.09 -7.36
CA ARG D 258 42.90 25.08 -7.99
C ARG D 258 41.48 24.85 -7.53
N LYS D 259 40.89 25.85 -6.90
CA LYS D 259 39.53 25.71 -6.38
C LYS D 259 38.55 25.42 -7.52
N THR D 260 37.64 24.48 -7.27
CA THR D 260 36.64 24.08 -8.24
C THR D 260 35.30 24.72 -7.93
N GLY D 261 34.55 25.02 -8.98
CA GLY D 261 33.25 25.63 -8.83
C GLY D 261 32.96 26.54 -10.01
N LYS D 262 31.95 27.39 -9.82
CA LYS D 262 31.56 28.33 -10.85
C LYS D 262 32.65 29.39 -11.03
N SER D 263 33.23 29.43 -12.23
CA SER D 263 34.24 30.42 -12.56
C SER D 263 33.91 31.05 -13.90
N ILE D 264 34.15 32.36 -14.00
CA ILE D 264 33.99 33.07 -15.27
C ILE D 264 35.27 33.08 -16.08
N THR D 265 36.36 32.53 -15.54
CA THR D 265 37.64 32.52 -16.22
C THR D 265 37.96 31.18 -16.87
N TYR D 266 37.14 30.15 -16.66
CA TYR D 266 37.36 28.84 -17.24
C TYR D 266 36.13 28.37 -17.99
N LEU D 267 36.36 27.58 -19.04
CA LEU D 267 35.30 27.01 -19.86
C LEU D 267 35.71 25.60 -20.21
N ASN D 268 35.02 24.61 -19.64
CA ASN D 268 35.35 23.20 -19.80
C ASN D 268 36.77 22.90 -19.33
N GLY D 269 37.17 23.53 -18.24
CA GLY D 269 38.51 23.36 -17.72
C GLY D 269 39.59 24.08 -18.50
N TYR D 270 39.24 24.83 -19.53
CA TYR D 270 40.20 25.61 -20.30
C TYR D 270 40.17 27.05 -19.84
N LYS D 271 41.36 27.64 -19.66
CA LYS D 271 41.45 29.01 -19.20
C LYS D 271 41.04 29.97 -20.32
N LEU D 272 40.09 30.86 -19.99
CA LEU D 272 39.56 31.78 -21.00
C LEU D 272 40.48 32.98 -21.22
N ASP D 273 40.89 33.63 -20.13
CA ASP D 273 41.72 34.83 -20.22
C ASP D 273 43.21 34.47 -20.26
C1 EDO E . -32.07 8.90 10.14
O1 EDO E . -33.39 8.41 9.89
C2 EDO E . -31.07 8.00 9.44
O2 EDO E . -31.23 6.66 9.93
S SO4 F . -7.67 -33.67 -26.09
O1 SO4 F . -8.80 -32.79 -25.86
O2 SO4 F . -8.16 -35.00 -26.44
O3 SO4 F . -6.84 -33.14 -27.19
O4 SO4 F . -6.85 -33.76 -24.87
C1 EDO G . -12.50 -12.32 29.33
O1 EDO G . -12.05 -12.23 27.99
C2 EDO G . -11.28 -12.39 30.25
O2 EDO G . -10.36 -11.36 29.88
C1 EDO H . 31.15 18.76 1.02
O1 EDO H . 31.64 17.63 0.28
C2 EDO H . 32.15 19.09 2.13
O2 EDO H . 31.56 20.00 3.05
#